data_7KK2
#
_entry.id   7KK2
#
_cell.length_a   48.06
_cell.length_b   91.64
_cell.length_c   162.84
_cell.angle_alpha   90
_cell.angle_beta   90
_cell.angle_gamma   90
#
_symmetry.space_group_name_H-M   'P 21 21 21'
#
loop_
_entity.id
_entity.type
_entity.pdbx_description
1 polymer 'Poly [ADP-ribose] polymerase 1'
2 non-polymer 'SULFATE ION'
3 water water
#
_entity_poly.entity_id   1
_entity_poly.type   'polypeptide(L)'
_entity_poly.pdbx_seq_one_letter_code
;GSKSKLPKPVQDLIKMIFDVESMKKAMVEYEIDLQKMPLGKLSKRQIQAAYSILSEVQQAVSQGSSDSQILDLSNRFYTL
IPHDFGMKKPPLLNNADSVQAKVEMLDNLLDIEVAYSLLRGGSDDSSKDPIDVNYEKLKTDIKVVDRDSEEAEIIRKYVK
NTHATTHNAYDLEVIDIFKIEREGECQRYKPFKQLHNRRLLWHGSRTTNFAGILSQGLRIAPPEAPVTGYMFGKGIYFAD
MVSKSANYCHTSQGDPIGLILLGEVALGNMYELKHASHISKLPKGKHSVKGLGKTTPDPSANISLDGVDVPLGTGISSGV
NDTSLLYNEYIVYDIAQVNLKYLLKLKFNFKT
;
_entity_poly.pdbx_strand_id   A,B
#
loop_
_chem_comp.id
_chem_comp.type
_chem_comp.name
_chem_comp.formula
SO4 non-polymer 'SULFATE ION' 'O4 S -2'
#
# COMPACT_ATOMS: atom_id res chain seq x y z
N SER A 2 -17.85 34.32 38.72
CA SER A 2 -18.68 34.96 37.70
C SER A 2 -19.26 33.92 36.73
N LYS A 3 -20.44 34.21 36.17
CA LYS A 3 -21.13 33.31 35.25
C LYS A 3 -20.75 33.63 33.79
N SER A 4 -20.58 32.59 32.96
CA SER A 4 -20.23 32.80 31.56
C SER A 4 -21.36 33.44 30.78
N LYS A 5 -20.99 34.37 29.90
CA LYS A 5 -21.97 35.02 29.03
C LYS A 5 -21.96 34.41 27.60
N LEU A 6 -21.14 33.37 27.35
CA LEU A 6 -21.13 32.64 26.08
C LEU A 6 -22.51 32.02 25.87
N PRO A 7 -22.96 31.88 24.63
CA PRO A 7 -24.26 31.21 24.39
C PRO A 7 -24.23 29.78 24.94
N LYS A 8 -25.38 29.27 25.43
CA LYS A 8 -25.44 27.92 25.97
C LYS A 8 -24.87 26.83 25.00
N PRO A 9 -25.09 26.86 23.67
CA PRO A 9 -24.49 25.84 22.81
C PRO A 9 -22.97 25.87 22.83
N VAL A 10 -22.36 27.05 22.93
CA VAL A 10 -20.90 27.17 22.99
C VAL A 10 -20.40 26.63 24.35
N GLN A 11 -21.10 26.98 25.47
CA GLN A 11 -20.72 26.44 26.77
C GLN A 11 -20.74 24.91 26.81
N ASP A 12 -21.82 24.32 26.27
CA ASP A 12 -21.99 22.87 26.19
C ASP A 12 -20.92 22.24 25.29
N LEU A 13 -20.50 22.96 24.23
CA LEU A 13 -19.44 22.47 23.34
C LEU A 13 -18.12 22.43 24.14
N ILE A 14 -17.79 23.54 24.86
CA ILE A 14 -16.58 23.61 25.70
C ILE A 14 -16.57 22.51 26.77
N LYS A 15 -17.73 22.28 27.39
CA LYS A 15 -17.86 21.23 28.40
C LYS A 15 -17.56 19.82 27.82
N MET A 16 -18.15 19.47 26.66
CA MET A 16 -17.94 18.16 26.02
C MET A 16 -16.46 17.89 25.71
N ILE A 17 -15.77 18.84 25.07
CA ILE A 17 -14.42 18.64 24.59
C ILE A 17 -13.39 18.64 25.72
N PHE A 18 -13.69 19.30 26.85
CA PHE A 18 -12.74 19.32 27.96
C PHE A 18 -13.08 18.31 29.08
N ASP A 19 -14.05 17.41 28.83
CA ASP A 19 -14.48 16.44 29.84
C ASP A 19 -13.40 15.40 30.16
N VAL A 20 -12.87 15.44 31.39
CA VAL A 20 -11.82 14.53 31.87
C VAL A 20 -12.35 13.08 31.93
N GLU A 21 -13.62 12.90 32.34
CA GLU A 21 -14.20 11.56 32.39
C GLU A 21 -14.29 10.93 31.00
N SER A 22 -14.51 11.75 29.95
CA SER A 22 -14.53 11.24 28.59
C SER A 22 -13.11 10.80 28.18
N MET A 23 -12.09 11.54 28.60
CA MET A 23 -10.69 11.20 28.27
C MET A 23 -10.33 9.89 28.95
N LYS A 24 -10.72 9.72 30.23
CA LYS A 24 -10.49 8.46 30.96
C LYS A 24 -11.24 7.30 30.30
N LYS A 25 -12.49 7.53 29.85
CA LYS A 25 -13.29 6.52 29.14
C LYS A 25 -12.62 6.05 27.84
N ALA A 26 -11.98 6.96 27.09
CA ALA A 26 -11.26 6.59 25.87
C ALA A 26 -10.09 5.65 26.25
N MET A 27 -9.37 5.97 27.32
CA MET A 27 -8.24 5.17 27.77
C MET A 27 -8.63 3.79 28.32
N VAL A 28 -9.83 3.67 28.90
CA VAL A 28 -10.32 2.35 29.32
C VAL A 28 -10.76 1.56 28.09
N GLU A 29 -11.34 2.22 27.05
CA GLU A 29 -11.70 1.57 25.78
C GLU A 29 -10.45 0.93 25.15
N TYR A 30 -9.28 1.59 25.28
CA TYR A 30 -8.04 1.07 24.73
C TYR A 30 -7.31 0.07 25.62
N GLU A 31 -7.99 -0.44 26.65
CA GLU A 31 -7.49 -1.37 27.65
C GLU A 31 -6.20 -0.85 28.29
N ILE A 32 -6.04 0.47 28.43
CA ILE A 32 -4.83 1.03 29.04
C ILE A 32 -4.90 0.89 30.55
N ASP A 33 -3.81 0.45 31.16
CA ASP A 33 -3.73 0.29 32.61
C ASP A 33 -3.69 1.71 33.19
N LEU A 34 -4.79 2.20 33.82
CA LEU A 34 -4.79 3.58 34.37
C LEU A 34 -4.02 3.72 35.68
N GLN A 35 -3.44 2.62 36.20
CA GLN A 35 -2.59 2.61 37.38
C GLN A 35 -1.14 2.85 36.93
N LYS A 36 -0.73 2.16 35.84
CA LYS A 36 0.61 2.29 35.25
C LYS A 36 0.69 3.48 34.26
N MET A 37 -0.43 3.80 33.59
CA MET A 37 -0.48 4.94 32.70
C MET A 37 -1.73 5.80 32.88
N PRO A 38 -1.81 6.56 33.98
CA PRO A 38 -2.96 7.46 34.16
C PRO A 38 -2.92 8.63 33.17
N LEU A 39 -4.03 9.35 33.07
CA LEU A 39 -4.19 10.52 32.22
C LEU A 39 -3.03 11.54 32.40
N GLY A 40 -2.65 11.82 33.65
CA GLY A 40 -1.57 12.75 33.95
C GLY A 40 -0.15 12.29 33.64
N LYS A 41 0.05 11.00 33.43
CA LYS A 41 1.39 10.46 33.14
C LYS A 41 1.63 10.23 31.64
N LEU A 42 0.62 10.45 30.80
CA LEU A 42 0.74 10.35 29.34
C LEU A 42 1.71 11.45 28.88
N SER A 43 2.63 11.14 27.96
CA SER A 43 3.55 12.16 27.44
C SER A 43 3.83 11.90 25.99
N LYS A 44 4.18 12.95 25.24
CA LYS A 44 4.51 12.82 23.83
C LYS A 44 5.65 11.83 23.59
N ARG A 45 6.77 11.95 24.36
CA ARG A 45 7.92 11.07 24.17
C ARG A 45 7.56 9.61 24.38
N GLN A 46 6.58 9.28 25.25
CA GLN A 46 6.18 7.90 25.45
C GLN A 46 5.37 7.38 24.25
N ILE A 47 4.46 8.21 23.74
CA ILE A 47 3.63 7.89 22.58
C ILE A 47 4.50 7.77 21.32
N GLN A 48 5.48 8.68 21.15
CA GLN A 48 6.40 8.67 20.01
C GLN A 48 7.26 7.39 20.02
N ALA A 49 7.75 6.99 21.20
CA ALA A 49 8.51 5.74 21.34
C ALA A 49 7.62 4.51 21.00
N ALA A 50 6.34 4.51 21.40
CA ALA A 50 5.42 3.43 21.03
C ALA A 50 5.17 3.41 19.50
N TYR A 51 5.06 4.59 18.85
CA TYR A 51 4.89 4.66 17.39
C TYR A 51 6.13 4.02 16.71
N SER A 52 7.33 4.34 17.21
CA SER A 52 8.58 3.81 16.70
C SER A 52 8.63 2.29 16.80
N ILE A 53 8.12 1.72 17.90
CA ILE A 53 8.09 0.26 18.05
C ILE A 53 7.02 -0.36 17.16
N LEU A 54 5.90 0.32 16.97
CA LEU A 54 4.83 -0.10 16.08
C LEU A 54 5.31 -0.09 14.60
N SER A 55 6.31 0.74 14.26
CA SER A 55 6.94 0.77 12.94
C SER A 55 7.86 -0.48 12.83
N GLU A 56 8.58 -0.84 13.91
CA GLU A 56 9.43 -2.03 13.92
C GLU A 56 8.55 -3.29 13.77
N VAL A 57 7.35 -3.30 14.39
CA VAL A 57 6.40 -4.40 14.29
C VAL A 57 5.94 -4.58 12.84
N GLN A 58 5.37 -3.52 12.20
CA GLN A 58 4.89 -3.54 10.81
C GLN A 58 6.02 -3.82 9.79
N GLN A 59 7.26 -3.40 10.10
CA GLN A 59 8.44 -3.64 9.26
C GLN A 59 8.72 -5.15 9.19
N ALA A 60 8.52 -5.87 10.30
CA ALA A 60 8.72 -7.31 10.35
C ALA A 60 7.57 -8.07 9.68
N VAL A 61 6.34 -7.55 9.78
CA VAL A 61 5.18 -8.18 9.13
C VAL A 61 5.35 -8.13 7.61
N SER A 62 5.79 -6.97 7.09
CA SER A 62 6.04 -6.78 5.66
C SER A 62 7.20 -7.64 5.18
N GLN A 63 8.23 -7.83 6.02
CA GLN A 63 9.41 -8.63 5.71
C GLN A 63 9.24 -10.15 5.98
N GLY A 64 7.99 -10.61 6.11
CA GLY A 64 7.67 -12.01 6.33
C GLY A 64 8.28 -12.67 7.55
N SER A 65 8.37 -11.95 8.67
CA SER A 65 8.93 -12.52 9.89
C SER A 65 7.92 -13.45 10.57
N SER A 66 8.42 -14.53 11.20
CA SER A 66 7.59 -15.51 11.89
C SER A 66 7.00 -14.96 13.21
N ASP A 67 6.04 -15.69 13.81
CA ASP A 67 5.43 -15.29 15.06
C ASP A 67 6.41 -15.26 16.25
N SER A 68 7.54 -15.96 16.14
CA SER A 68 8.57 -15.95 17.19
C SER A 68 9.28 -14.59 17.21
N GLN A 69 9.57 -14.04 16.02
CA GLN A 69 10.19 -12.72 15.86
C GLN A 69 9.16 -11.61 16.11
N ILE A 70 7.92 -11.82 15.66
CA ILE A 70 6.84 -10.87 15.86
C ILE A 70 6.55 -10.71 17.36
N LEU A 71 6.56 -11.83 18.12
CA LEU A 71 6.31 -11.85 19.56
C LEU A 71 7.14 -10.84 20.35
N ASP A 72 8.45 -10.80 20.11
CA ASP A 72 9.38 -9.88 20.79
C ASP A 72 9.05 -8.41 20.53
N LEU A 73 8.69 -8.07 19.28
CA LEU A 73 8.36 -6.70 18.90
C LEU A 73 6.99 -6.30 19.45
N SER A 74 6.05 -7.22 19.45
CA SER A 74 4.72 -7.00 19.97
C SER A 74 4.78 -6.77 21.47
N ASN A 75 5.57 -7.58 22.19
CA ASN A 75 5.74 -7.42 23.62
C ASN A 75 6.35 -6.06 23.96
N ARG A 76 7.28 -5.59 23.11
CA ARG A 76 7.92 -4.29 23.29
C ARG A 76 6.91 -3.13 23.27
N PHE A 77 5.89 -3.25 22.40
CA PHE A 77 4.86 -2.22 22.29
C PHE A 77 4.09 -2.12 23.62
N TYR A 78 3.72 -3.27 24.18
CA TYR A 78 3.00 -3.31 25.44
C TYR A 78 3.83 -2.83 26.63
N THR A 79 5.16 -2.87 26.51
CA THR A 79 6.02 -2.37 27.57
C THR A 79 5.91 -0.86 27.61
N LEU A 80 5.91 -0.20 26.43
CA LEU A 80 5.86 1.24 26.35
C LEU A 80 4.49 1.83 26.62
N ILE A 81 3.41 1.10 26.25
CA ILE A 81 2.04 1.52 26.48
C ILE A 81 1.41 0.45 27.35
N PRO A 82 1.46 0.64 28.68
CA PRO A 82 0.92 -0.40 29.57
C PRO A 82 -0.57 -0.64 29.43
N HIS A 83 -0.91 -1.88 29.10
CA HIS A 83 -2.29 -2.28 28.97
C HIS A 83 -2.68 -3.13 30.19
N ASP A 84 -3.93 -3.07 30.57
CA ASP A 84 -4.42 -3.79 31.73
C ASP A 84 -4.92 -5.15 31.34
N PHE A 85 -4.03 -6.13 31.42
CA PHE A 85 -4.41 -7.51 31.14
C PHE A 85 -4.31 -8.44 32.35
N GLY A 86 -4.08 -7.88 33.53
CA GLY A 86 -3.93 -8.65 34.76
C GLY A 86 -2.65 -9.45 34.66
N MET A 87 -2.74 -10.76 34.96
CA MET A 87 -1.57 -11.62 34.83
C MET A 87 -1.56 -12.48 33.60
N LYS A 88 -2.27 -12.08 32.54
CA LYS A 88 -2.28 -12.84 31.30
C LYS A 88 -1.35 -12.18 30.30
N LYS A 89 -0.87 -12.97 29.34
CA LYS A 89 -0.11 -12.47 28.20
C LYS A 89 -1.03 -11.56 27.38
N PRO A 90 -0.53 -10.43 26.88
CA PRO A 90 -1.38 -9.53 26.06
C PRO A 90 -1.66 -10.09 24.66
N PRO A 91 -2.71 -9.58 23.99
CA PRO A 91 -3.01 -10.04 22.62
C PRO A 91 -1.84 -9.82 21.67
N LEU A 92 -1.44 -10.86 20.96
CA LEU A 92 -0.34 -10.77 20.02
C LEU A 92 -0.67 -9.86 18.83
N LEU A 93 0.22 -8.92 18.51
CA LEU A 93 0.04 -8.00 17.40
C LEU A 93 0.67 -8.63 16.17
N ASN A 94 -0.02 -9.61 15.58
CA ASN A 94 0.50 -10.33 14.42
C ASN A 94 -0.20 -9.91 13.12
N ASN A 95 -1.53 -9.84 13.15
CA ASN A 95 -2.34 -9.46 12.00
C ASN A 95 -2.33 -7.94 11.74
N ALA A 96 -2.76 -7.49 10.54
CA ALA A 96 -2.79 -6.07 10.18
C ALA A 96 -3.87 -5.31 10.95
N ASP A 97 -5.01 -5.97 11.20
CA ASP A 97 -6.14 -5.37 11.93
C ASP A 97 -5.78 -5.00 13.37
N SER A 98 -4.82 -5.74 13.97
CA SER A 98 -4.35 -5.50 15.33
C SER A 98 -3.40 -4.31 15.38
N VAL A 99 -2.44 -4.24 14.44
CA VAL A 99 -1.46 -3.16 14.38
C VAL A 99 -2.11 -1.83 13.95
N GLN A 100 -3.12 -1.92 13.07
CA GLN A 100 -3.85 -0.77 12.58
C GLN A 100 -4.56 -0.08 13.73
N ALA A 101 -5.20 -0.88 14.61
CA ALA A 101 -5.91 -0.42 15.78
C ALA A 101 -4.99 0.31 16.77
N LYS A 102 -3.73 -0.15 16.91
CA LYS A 102 -2.78 0.48 17.82
C LYS A 102 -2.27 1.80 17.29
N VAL A 103 -2.10 1.92 15.96
CA VAL A 103 -1.67 3.18 15.36
C VAL A 103 -2.77 4.25 15.60
N GLU A 104 -4.05 3.84 15.44
CA GLU A 104 -5.22 4.67 15.64
C GLU A 104 -5.39 5.01 17.11
N MET A 105 -5.04 4.09 18.03
CA MET A 105 -5.09 4.35 19.45
C MET A 105 -4.06 5.45 19.78
N LEU A 106 -2.83 5.31 19.27
CA LEU A 106 -1.80 6.31 19.52
C LEU A 106 -2.17 7.68 18.95
N ASP A 107 -2.86 7.75 17.80
CA ASP A 107 -3.32 9.01 17.20
C ASP A 107 -4.26 9.74 18.23
N ASN A 108 -5.23 9.03 18.81
CA ASN A 108 -6.17 9.54 19.81
C ASN A 108 -5.43 9.92 21.11
N LEU A 109 -4.50 9.06 21.58
CA LEU A 109 -3.71 9.39 22.78
C LEU A 109 -2.94 10.68 22.64
N LEU A 110 -2.33 10.94 21.49
CA LEU A 110 -1.63 12.20 21.22
C LEU A 110 -2.55 13.42 21.43
N ASP A 111 -3.80 13.36 20.93
CA ASP A 111 -4.74 14.48 21.10
C ASP A 111 -5.27 14.57 22.51
N ILE A 112 -5.43 13.44 23.19
CA ILE A 112 -5.86 13.42 24.59
C ILE A 112 -4.79 14.09 25.46
N GLU A 113 -3.52 13.79 25.19
CA GLU A 113 -2.40 14.40 25.91
C GLU A 113 -2.41 15.91 25.70
N VAL A 114 -2.68 16.38 24.46
CA VAL A 114 -2.79 17.81 24.20
C VAL A 114 -3.92 18.45 25.06
N ALA A 115 -5.13 17.86 25.04
CA ALA A 115 -6.26 18.38 25.79
C ALA A 115 -5.98 18.44 27.31
N TYR A 116 -5.42 17.36 27.87
CA TYR A 116 -5.15 17.31 29.30
C TYR A 116 -4.03 18.26 29.65
N SER A 117 -3.02 18.42 28.77
CA SER A 117 -1.93 19.39 29.00
C SER A 117 -2.47 20.82 29.08
N LEU A 118 -3.56 21.13 28.34
CA LEU A 118 -4.17 22.46 28.37
C LEU A 118 -4.86 22.71 29.70
N LEU A 119 -5.56 21.69 30.19
CA LEU A 119 -6.31 21.75 31.43
C LEU A 119 -5.34 21.86 32.63
N ARG A 120 -4.21 21.14 32.58
CA ARG A 120 -3.26 21.12 33.68
C ARG A 120 -2.23 22.23 33.65
N GLY A 121 -1.93 22.73 32.47
CA GLY A 121 -1.06 23.89 32.35
C GLY A 121 -1.94 25.11 32.60
N GLY A 122 -1.33 26.26 32.77
CA GLY A 122 -2.11 27.47 32.98
C GLY A 122 -2.52 27.69 34.42
N SER A 123 -3.41 28.64 34.61
CA SER A 123 -3.77 29.19 35.89
C SER A 123 -5.14 28.79 36.45
N ASP A 124 -5.28 28.94 37.77
CA ASP A 124 -6.48 28.62 38.50
C ASP A 124 -7.00 29.89 39.19
N ASP A 125 -8.23 30.26 38.85
CA ASP A 125 -8.88 31.46 39.36
C ASP A 125 -10.35 31.12 39.51
N SER A 126 -10.76 30.75 40.75
CA SER A 126 -12.15 30.39 41.06
C SER A 126 -13.15 31.53 40.86
N SER A 127 -12.67 32.78 40.74
CA SER A 127 -13.56 33.90 40.49
C SER A 127 -14.05 33.95 39.02
N LYS A 128 -13.46 33.15 38.13
CA LYS A 128 -13.87 33.07 36.72
C LYS A 128 -14.62 31.77 36.47
N ASP A 129 -15.51 31.76 35.48
CA ASP A 129 -16.25 30.55 35.13
C ASP A 129 -15.25 29.65 34.41
N PRO A 130 -15.10 28.39 34.87
CA PRO A 130 -14.17 27.47 34.17
C PRO A 130 -14.51 27.26 32.69
N ILE A 131 -15.78 27.51 32.28
CA ILE A 131 -16.15 27.42 30.86
C ILE A 131 -15.43 28.53 30.05
N ASP A 132 -15.42 29.76 30.57
CA ASP A 132 -14.75 30.89 29.93
C ASP A 132 -13.24 30.66 29.86
N VAL A 133 -12.67 30.12 30.93
CA VAL A 133 -11.26 29.85 31.02
C VAL A 133 -10.81 28.82 29.98
N ASN A 134 -11.55 27.71 29.87
CA ASN A 134 -11.24 26.64 28.92
C ASN A 134 -11.45 27.10 27.47
N TYR A 135 -12.48 27.94 27.25
CA TYR A 135 -12.75 28.53 25.93
C TYR A 135 -11.53 29.28 25.42
N GLU A 136 -10.91 30.09 26.26
CA GLU A 136 -9.76 30.91 25.89
C GLU A 136 -8.54 30.07 25.53
N LYS A 137 -8.39 28.87 26.15
CA LYS A 137 -7.28 27.96 25.85
C LYS A 137 -7.30 27.47 24.40
N LEU A 138 -8.48 27.40 23.79
CA LEU A 138 -8.63 26.94 22.41
C LEU A 138 -8.11 27.93 21.37
N LYS A 139 -7.99 29.24 21.73
CA LYS A 139 -7.56 30.33 20.84
C LYS A 139 -8.31 30.29 19.52
N THR A 140 -9.64 30.09 19.61
CA THR A 140 -10.52 29.97 18.48
C THR A 140 -11.78 30.75 18.78
N ASP A 141 -12.17 31.64 17.86
CA ASP A 141 -13.41 32.37 17.99
C ASP A 141 -14.49 31.38 17.54
N ILE A 142 -15.50 31.18 18.36
CA ILE A 142 -16.58 30.25 18.08
C ILE A 142 -17.92 30.99 18.21
N LYS A 143 -18.67 31.02 17.12
CA LYS A 143 -19.96 31.70 17.10
C LYS A 143 -21.04 30.72 16.69
N VAL A 144 -22.27 30.94 17.15
CA VAL A 144 -23.39 30.11 16.76
C VAL A 144 -23.93 30.62 15.44
N VAL A 145 -24.10 29.74 14.46
CA VAL A 145 -24.70 30.09 13.19
C VAL A 145 -26.21 29.89 13.37
N ASP A 146 -26.98 30.95 13.10
CA ASP A 146 -28.43 30.95 13.19
C ASP A 146 -29.03 29.94 12.20
N ARG A 147 -29.98 29.12 12.68
CA ARG A 147 -30.70 28.12 11.91
C ARG A 147 -31.35 28.68 10.64
N ASP A 148 -31.88 29.90 10.70
CA ASP A 148 -32.53 30.51 9.54
C ASP A 148 -31.61 31.37 8.69
N SER A 149 -30.30 31.15 8.78
CA SER A 149 -29.33 31.88 7.95
C SER A 149 -28.99 31.05 6.69
N GLU A 150 -28.38 31.72 5.71
CA GLU A 150 -27.98 31.19 4.41
C GLU A 150 -26.92 30.10 4.55
N GLU A 151 -25.83 30.38 5.31
CA GLU A 151 -24.79 29.38 5.50
C GLU A 151 -25.34 28.13 6.22
N ALA A 152 -26.29 28.33 7.15
CA ALA A 152 -26.90 27.19 7.85
C ALA A 152 -27.74 26.34 6.92
N GLU A 153 -28.46 26.95 5.96
CA GLU A 153 -29.29 26.22 4.98
C GLU A 153 -28.40 25.32 4.11
N ILE A 154 -27.29 25.84 3.62
CA ILE A 154 -26.35 25.11 2.80
C ILE A 154 -25.73 23.97 3.59
N ILE A 155 -25.31 24.25 4.84
CA ILE A 155 -24.68 23.23 5.66
C ILE A 155 -25.66 22.11 5.96
N ARG A 156 -26.90 22.48 6.32
CA ARG A 156 -27.91 21.46 6.58
C ARG A 156 -28.25 20.66 5.32
N LYS A 157 -28.15 21.27 4.13
CA LYS A 157 -28.42 20.57 2.88
C LYS A 157 -27.27 19.58 2.62
N TYR A 158 -26.01 19.98 2.88
CA TYR A 158 -24.82 19.12 2.75
C TYR A 158 -25.01 17.86 3.66
N VAL A 159 -25.43 18.05 4.93
CA VAL A 159 -25.68 16.92 5.85
C VAL A 159 -26.82 16.04 5.30
N LYS A 160 -27.95 16.68 4.90
CA LYS A 160 -29.16 16.04 4.39
C LYS A 160 -28.89 15.18 3.13
N ASN A 161 -28.06 15.69 2.21
CA ASN A 161 -27.81 15.00 0.96
C ASN A 161 -26.68 13.98 0.89
N THR A 162 -25.71 13.97 1.82
CA THR A 162 -24.54 13.09 1.64
C THR A 162 -24.41 12.00 2.71
N HIS A 163 -25.56 11.50 3.20
CA HIS A 163 -25.54 10.38 4.15
C HIS A 163 -25.65 9.14 3.26
N ALA A 164 -24.59 8.31 3.22
CA ALA A 164 -24.55 7.11 2.39
C ALA A 164 -25.59 6.09 2.77
N THR A 165 -26.16 5.40 1.77
CA THR A 165 -27.11 4.30 1.99
C THR A 165 -26.44 3.15 2.76
N THR A 166 -25.12 2.92 2.56
CA THR A 166 -24.38 1.90 3.28
C THR A 166 -24.12 2.22 4.78
N HIS A 167 -24.38 3.46 5.19
CA HIS A 167 -24.22 3.86 6.58
C HIS A 167 -25.61 4.08 7.17
N ASN A 168 -26.55 3.16 6.88
CA ASN A 168 -27.93 3.32 7.31
C ASN A 168 -28.24 2.84 8.71
N ALA A 169 -27.24 2.47 9.50
CA ALA A 169 -27.50 2.04 10.89
C ALA A 169 -27.91 3.23 11.77
N TYR A 170 -27.70 4.47 11.30
CA TYR A 170 -28.09 5.66 12.02
C TYR A 170 -28.48 6.77 11.06
N ASP A 171 -29.18 7.77 11.58
CA ASP A 171 -29.42 8.99 10.85
C ASP A 171 -28.93 10.17 11.70
N LEU A 172 -28.69 11.32 11.05
CA LEU A 172 -28.10 12.45 11.74
C LEU A 172 -29.04 13.61 11.91
N GLU A 173 -28.97 14.26 13.06
CA GLU A 173 -29.75 15.47 13.30
C GLU A 173 -28.73 16.55 13.67
N VAL A 174 -28.73 17.67 12.97
CA VAL A 174 -27.80 18.77 13.26
C VAL A 174 -28.34 19.51 14.49
N ILE A 175 -27.62 19.46 15.60
CA ILE A 175 -28.06 20.14 16.82
C ILE A 175 -27.63 21.61 16.77
N ASP A 176 -26.33 21.86 16.63
CA ASP A 176 -25.78 23.20 16.57
C ASP A 176 -24.76 23.31 15.45
N ILE A 177 -24.66 24.49 14.89
CA ILE A 177 -23.69 24.83 13.84
C ILE A 177 -22.89 25.99 14.36
N PHE A 178 -21.58 25.82 14.45
CA PHE A 178 -20.67 26.86 14.91
C PHE A 178 -19.77 27.30 13.77
N LYS A 179 -19.53 28.60 13.69
CA LYS A 179 -18.60 29.16 12.76
C LYS A 179 -17.32 29.33 13.59
N ILE A 180 -16.20 28.76 13.15
CA ILE A 180 -14.97 28.78 13.93
C ILE A 180 -13.84 29.49 13.22
N GLU A 181 -12.98 30.14 14.00
CA GLU A 181 -11.83 30.83 13.45
C GLU A 181 -10.63 30.67 14.34
N ARG A 182 -9.75 29.71 14.01
CA ARG A 182 -8.55 29.46 14.79
C ARG A 182 -7.61 30.62 14.59
N GLU A 183 -7.07 31.21 15.67
CA GLU A 183 -6.13 32.32 15.60
C GLU A 183 -4.89 31.91 14.78
N GLY A 184 -4.53 32.75 13.82
CA GLY A 184 -3.39 32.55 12.94
C GLY A 184 -3.62 31.68 11.74
N GLU A 185 -4.75 30.94 11.68
CA GLU A 185 -4.99 29.99 10.61
C GLU A 185 -5.25 30.62 9.24
N CYS A 186 -6.01 31.71 9.20
CA CYS A 186 -6.30 32.44 7.97
C CYS A 186 -4.99 32.97 7.35
N GLN A 187 -4.08 33.46 8.20
CA GLN A 187 -2.77 33.96 7.79
C GLN A 187 -1.90 32.81 7.25
N ARG A 188 -1.96 31.66 7.91
CA ARG A 188 -1.22 30.47 7.50
C ARG A 188 -1.71 29.96 6.11
N TYR A 189 -3.02 30.09 5.86
CA TYR A 189 -3.68 29.65 4.64
C TYR A 189 -3.46 30.58 3.44
N LYS A 190 -2.97 31.82 3.67
CA LYS A 190 -2.72 32.81 2.62
C LYS A 190 -2.04 32.24 1.34
N PRO A 191 -0.93 31.47 1.38
CA PRO A 191 -0.36 30.96 0.10
C PRO A 191 -1.33 30.09 -0.70
N PHE A 192 -2.35 29.49 -0.06
CA PHE A 192 -3.31 28.62 -0.76
C PHE A 192 -4.69 29.20 -0.96
N LYS A 193 -4.93 30.44 -0.50
CA LYS A 193 -6.29 30.98 -0.53
C LYS A 193 -6.87 31.18 -1.93
N GLN A 194 -6.04 31.27 -2.98
CA GLN A 194 -6.55 31.40 -4.35
C GLN A 194 -6.26 30.18 -5.22
N LEU A 195 -5.77 29.07 -4.62
CA LEU A 195 -5.49 27.84 -5.37
C LEU A 195 -6.79 27.31 -5.97
N HIS A 196 -6.69 26.59 -7.11
CA HIS A 196 -7.88 26.03 -7.72
C HIS A 196 -8.31 24.79 -6.93
N ASN A 197 -9.56 24.34 -7.12
CA ASN A 197 -10.08 23.16 -6.43
C ASN A 197 -10.12 23.31 -4.91
N ARG A 198 -10.62 24.45 -4.44
CA ARG A 198 -10.82 24.65 -3.00
C ARG A 198 -12.21 24.13 -2.73
N ARG A 199 -12.34 23.20 -1.79
CA ARG A 199 -13.61 22.55 -1.51
C ARG A 199 -13.92 22.53 -0.02
N LEU A 200 -15.20 22.54 0.30
CA LEU A 200 -15.63 22.54 1.69
C LEU A 200 -15.86 21.06 2.00
N LEU A 201 -15.00 20.47 2.82
CA LEU A 201 -15.06 19.05 3.10
C LEU A 201 -15.23 18.70 4.58
N TRP A 202 -15.75 17.51 4.83
CA TRP A 202 -15.96 16.99 6.18
C TRP A 202 -14.69 16.36 6.80
N HIS A 203 -14.57 16.50 8.11
CA HIS A 203 -13.52 15.84 8.89
C HIS A 203 -14.12 15.45 10.24
N GLY A 204 -14.39 14.18 10.40
CA GLY A 204 -14.93 13.65 11.64
C GLY A 204 -13.82 13.17 12.53
N SER A 205 -14.05 13.23 13.84
CA SER A 205 -13.06 12.75 14.82
C SER A 205 -13.77 12.49 16.14
N ARG A 206 -13.12 11.73 17.05
CA ARG A 206 -13.69 11.51 18.39
C ARG A 206 -13.75 12.84 19.12
N THR A 207 -14.76 13.02 19.98
CA THR A 207 -14.94 14.22 20.77
C THR A 207 -13.67 14.60 21.59
N THR A 208 -12.96 13.58 22.12
CA THR A 208 -11.72 13.74 22.89
C THR A 208 -10.54 14.31 22.10
N ASN A 209 -10.66 14.42 20.76
CA ASN A 209 -9.63 15.01 19.92
C ASN A 209 -9.85 16.50 19.65
N PHE A 210 -11.07 17.01 19.89
CA PHE A 210 -11.41 18.37 19.53
C PHE A 210 -10.66 19.48 20.28
N ALA A 211 -10.27 19.29 21.56
CA ALA A 211 -9.49 20.34 22.24
C ALA A 211 -8.13 20.53 21.53
N GLY A 212 -7.56 19.44 21.05
CA GLY A 212 -6.31 19.47 20.30
C GLY A 212 -6.48 20.05 18.91
N ILE A 213 -7.54 19.66 18.21
CA ILE A 213 -7.78 20.15 16.84
C ILE A 213 -8.07 21.66 16.85
N LEU A 214 -8.84 22.13 17.84
CA LEU A 214 -9.13 23.56 17.88
C LEU A 214 -7.90 24.35 18.37
N SER A 215 -7.12 23.83 19.33
CA SER A 215 -5.94 24.57 19.81
C SER A 215 -4.78 24.55 18.81
N GLN A 216 -4.47 23.40 18.20
CA GLN A 216 -3.34 23.27 17.28
C GLN A 216 -3.69 23.08 15.82
N GLY A 217 -4.96 22.96 15.49
CA GLY A 217 -5.40 22.73 14.12
C GLY A 217 -5.24 21.28 13.71
N LEU A 218 -5.76 20.88 12.52
CA LEU A 218 -5.58 19.50 12.06
C LEU A 218 -4.09 19.30 11.75
N ARG A 219 -3.51 18.22 12.28
CA ARG A 219 -2.09 17.95 12.11
C ARG A 219 -1.85 16.63 11.41
N ILE A 220 -0.64 16.46 10.95
CA ILE A 220 -0.19 15.23 10.34
C ILE A 220 0.45 14.37 11.42
N ALA A 221 0.33 13.05 11.31
CA ALA A 221 0.92 12.10 12.25
C ALA A 221 2.44 12.33 12.37
N PRO A 222 3.02 12.15 13.56
CA PRO A 222 4.46 12.42 13.73
C PRO A 222 5.38 11.55 12.88
N PRO A 223 6.66 11.93 12.72
CA PRO A 223 7.59 11.10 11.94
C PRO A 223 7.74 9.64 12.42
N GLU A 224 7.59 9.41 13.75
CA GLU A 224 7.68 8.08 14.33
C GLU A 224 6.60 7.14 13.86
N ALA A 225 5.40 7.68 13.59
CA ALA A 225 4.26 6.90 13.13
C ALA A 225 4.59 6.20 11.80
N PRO A 226 4.23 4.92 11.66
CA PRO A 226 4.53 4.22 10.39
C PRO A 226 3.65 4.75 9.26
N VAL A 227 4.27 5.04 8.11
CA VAL A 227 3.52 5.55 6.95
C VAL A 227 2.46 4.52 6.46
N THR A 228 2.68 3.22 6.73
CA THR A 228 1.79 2.13 6.36
C THR A 228 0.50 2.06 7.20
N GLY A 229 0.44 2.78 8.32
CA GLY A 229 -0.74 2.82 9.17
C GLY A 229 -1.84 3.77 8.68
N TYR A 230 -1.63 4.38 7.49
CA TYR A 230 -2.56 5.34 6.87
C TYR A 230 -2.66 4.99 5.37
N MET A 231 -3.89 4.85 4.86
CA MET A 231 -4.14 4.40 3.50
C MET A 231 -3.36 5.15 2.43
N PHE A 232 -3.27 6.46 2.59
CA PHE A 232 -2.55 7.30 1.66
C PHE A 232 -1.41 8.05 2.32
N GLY A 233 -0.79 7.42 3.31
CA GLY A 233 0.34 8.00 4.01
C GLY A 233 -0.12 9.07 4.99
N LYS A 234 0.85 9.78 5.52
CA LYS A 234 0.63 10.75 6.56
C LYS A 234 0.23 12.13 6.06
N GLY A 235 -1.05 12.34 6.01
CA GLY A 235 -1.62 13.63 5.67
C GLY A 235 -2.86 13.90 6.51
N ILE A 236 -3.65 14.85 6.05
CA ILE A 236 -4.90 15.22 6.68
C ILE A 236 -6.04 14.78 5.78
N TYR A 237 -6.89 13.92 6.34
CA TYR A 237 -7.97 13.26 5.61
C TYR A 237 -9.31 13.96 5.73
N PHE A 238 -10.04 14.00 4.63
CA PHE A 238 -11.35 14.61 4.50
C PHE A 238 -12.25 13.72 3.60
N ALA A 239 -13.54 13.94 3.64
CA ALA A 239 -14.53 13.24 2.85
C ALA A 239 -15.60 14.23 2.36
N ASP A 240 -16.29 13.91 1.28
CA ASP A 240 -17.41 14.71 0.75
C ASP A 240 -18.77 14.07 1.10
N MET A 241 -18.78 12.95 1.84
CA MET A 241 -20.02 12.29 2.28
C MET A 241 -20.01 12.43 3.81
N VAL A 242 -20.96 13.21 4.35
CA VAL A 242 -21.02 13.42 5.81
C VAL A 242 -20.96 12.13 6.64
N SER A 243 -21.65 11.06 6.24
CA SER A 243 -21.65 9.82 7.01
C SER A 243 -20.29 9.08 7.00
N LYS A 244 -19.49 9.21 5.93
CA LYS A 244 -18.16 8.56 5.91
C LYS A 244 -17.29 9.20 7.04
N SER A 245 -17.38 10.52 7.16
CA SER A 245 -16.67 11.29 8.18
C SER A 245 -17.30 11.10 9.55
N ALA A 246 -18.65 11.07 9.61
CA ALA A 246 -19.41 10.92 10.87
C ALA A 246 -19.06 9.61 11.56
N ASN A 247 -18.75 8.57 10.78
CA ASN A 247 -18.34 7.29 11.33
C ASN A 247 -17.09 7.41 12.17
N TYR A 248 -16.18 8.37 11.86
CA TYR A 248 -14.97 8.59 12.66
C TYR A 248 -15.20 9.30 14.01
N CYS A 249 -16.45 9.69 14.30
CA CYS A 249 -16.81 10.24 15.62
C CYS A 249 -16.84 9.12 16.67
N HIS A 250 -17.02 7.85 16.25
CA HIS A 250 -17.09 6.70 17.13
C HIS A 250 -18.18 6.86 18.19
N THR A 251 -19.34 7.41 17.80
CA THR A 251 -20.46 7.53 18.71
C THR A 251 -21.18 6.18 18.79
N SER A 252 -22.05 6.03 19.77
CA SER A 252 -22.81 4.80 19.95
C SER A 252 -24.09 5.12 20.76
N GLN A 253 -24.93 4.13 21.04
CA GLN A 253 -26.13 4.34 21.89
C GLN A 253 -25.72 4.81 23.30
N GLY A 254 -24.53 4.42 23.75
CA GLY A 254 -24.00 4.87 25.03
C GLY A 254 -23.40 6.26 25.02
N ASP A 255 -23.26 6.89 23.83
CA ASP A 255 -22.72 8.25 23.66
C ASP A 255 -23.11 8.69 22.25
N PRO A 256 -24.38 9.10 22.03
CA PRO A 256 -24.84 9.35 20.68
C PRO A 256 -24.61 10.75 20.14
N ILE A 257 -23.79 11.57 20.79
CA ILE A 257 -23.55 12.93 20.34
C ILE A 257 -22.11 13.01 19.87
N GLY A 258 -21.91 13.53 18.66
CA GLY A 258 -20.57 13.66 18.10
C GLY A 258 -20.34 15.02 17.46
N LEU A 259 -19.08 15.31 17.16
CA LEU A 259 -18.70 16.58 16.56
C LEU A 259 -18.03 16.32 15.20
N ILE A 260 -18.31 17.18 14.22
CA ILE A 260 -17.73 17.08 12.88
C ILE A 260 -17.33 18.46 12.36
N LEU A 261 -16.24 18.54 11.64
CA LEU A 261 -15.73 19.79 11.11
C LEU A 261 -16.06 19.95 9.65
N LEU A 262 -16.15 21.21 9.22
CA LEU A 262 -16.24 21.56 7.81
C LEU A 262 -15.02 22.44 7.61
N GLY A 263 -14.14 22.02 6.71
CA GLY A 263 -12.95 22.79 6.41
C GLY A 263 -12.83 23.16 4.95
N GLU A 264 -12.32 24.35 4.65
CA GLU A 264 -12.01 24.72 3.28
C GLU A 264 -10.64 24.09 3.04
N VAL A 265 -10.51 23.21 2.03
CA VAL A 265 -9.28 22.51 1.75
C VAL A 265 -8.81 22.90 0.34
N ALA A 266 -7.55 23.36 0.21
CA ALA A 266 -7.01 23.75 -1.10
C ALA A 266 -6.42 22.50 -1.73
N LEU A 267 -7.19 21.84 -2.58
CA LEU A 267 -6.77 20.56 -3.16
C LEU A 267 -5.85 20.73 -4.37
N GLY A 268 -6.08 21.79 -5.15
CA GLY A 268 -5.27 22.06 -6.34
C GLY A 268 -5.25 20.90 -7.31
N ASN A 269 -4.06 20.55 -7.78
CA ASN A 269 -3.83 19.44 -8.69
C ASN A 269 -3.87 18.13 -7.89
N MET A 270 -4.97 17.39 -8.06
CA MET A 270 -5.17 16.15 -7.32
C MET A 270 -4.51 14.97 -7.98
N TYR A 271 -3.83 14.18 -7.16
CA TYR A 271 -3.20 12.93 -7.52
C TYR A 271 -4.26 11.86 -7.24
N GLU A 272 -4.88 11.34 -8.32
CA GLU A 272 -6.00 10.40 -8.23
C GLU A 272 -5.58 8.96 -8.02
N LEU A 273 -6.09 8.33 -6.98
CA LEU A 273 -5.70 6.94 -6.66
C LEU A 273 -6.91 6.07 -6.33
N LYS A 274 -6.79 4.76 -6.56
CA LYS A 274 -7.86 3.79 -6.35
C LYS A 274 -7.55 2.80 -5.24
N HIS A 275 -6.28 2.61 -4.90
CA HIS A 275 -5.87 1.66 -3.88
C HIS A 275 -4.80 2.31 -3.01
N ALA A 276 -4.52 1.70 -1.85
CA ALA A 276 -3.55 2.21 -0.90
C ALA A 276 -2.19 2.53 -1.53
N SER A 277 -1.65 3.64 -1.10
CA SER A 277 -0.38 4.12 -1.63
C SER A 277 0.20 4.88 -0.47
N HIS A 278 1.09 4.23 0.29
CA HIS A 278 1.66 4.77 1.53
C HIS A 278 2.79 5.72 1.19
N ILE A 279 2.43 6.83 0.57
CA ILE A 279 3.42 7.79 0.12
C ILE A 279 3.95 8.69 1.22
N SER A 280 5.19 9.13 1.05
CA SER A 280 5.92 10.04 1.94
C SER A 280 5.79 11.48 1.41
N LYS A 281 5.74 11.63 0.08
CA LYS A 281 5.56 12.92 -0.55
C LYS A 281 4.71 12.73 -1.82
N LEU A 282 4.09 13.83 -2.26
CA LEU A 282 3.29 13.80 -3.46
C LEU A 282 4.20 13.78 -4.68
N PRO A 283 3.71 13.29 -5.84
CA PRO A 283 4.46 13.48 -7.08
C PRO A 283 4.58 14.98 -7.41
N LYS A 284 5.61 15.35 -8.15
CA LYS A 284 5.87 16.74 -8.54
C LYS A 284 4.64 17.42 -9.21
N GLY A 285 4.32 18.61 -8.73
CA GLY A 285 3.19 19.38 -9.24
C GLY A 285 1.84 19.04 -8.64
N LYS A 286 1.75 17.97 -7.85
CA LYS A 286 0.47 17.61 -7.20
C LYS A 286 0.38 18.33 -5.84
N HIS A 287 -0.84 18.71 -5.43
CA HIS A 287 -1.08 19.41 -4.15
C HIS A 287 -1.87 18.55 -3.13
N SER A 288 -2.52 17.48 -3.61
CA SER A 288 -3.31 16.62 -2.75
C SER A 288 -3.47 15.24 -3.37
N VAL A 289 -4.02 14.29 -2.59
CA VAL A 289 -4.41 13.01 -3.14
C VAL A 289 -5.96 13.01 -3.13
N LYS A 290 -6.56 12.48 -4.18
CA LYS A 290 -7.95 12.17 -4.22
C LYS A 290 -8.10 10.64 -4.36
N GLY A 291 -8.63 10.02 -3.33
CA GLY A 291 -8.98 8.60 -3.34
C GLY A 291 -10.32 8.52 -4.02
N LEU A 292 -10.36 7.89 -5.20
CA LEU A 292 -11.56 7.77 -6.04
C LEU A 292 -12.57 6.76 -5.50
N GLY A 293 -13.73 7.25 -5.09
CA GLY A 293 -14.80 6.39 -4.64
C GLY A 293 -15.70 5.97 -5.79
N LYS A 294 -16.43 4.84 -5.63
CA LYS A 294 -17.44 4.38 -6.60
C LYS A 294 -18.61 5.34 -6.63
N THR A 295 -18.90 6.04 -5.51
CA THR A 295 -19.97 7.01 -5.37
C THR A 295 -19.40 8.38 -5.06
N THR A 296 -20.01 9.40 -5.64
CA THR A 296 -19.64 10.78 -5.42
C THR A 296 -20.90 11.62 -5.37
N PRO A 297 -20.90 12.71 -4.58
CA PRO A 297 -22.03 13.66 -4.65
C PRO A 297 -22.15 14.16 -6.11
N ASP A 298 -23.37 14.30 -6.63
CA ASP A 298 -23.64 14.70 -8.00
C ASP A 298 -22.92 16.02 -8.33
N PRO A 299 -21.92 15.95 -9.25
CA PRO A 299 -21.10 17.15 -9.54
C PRO A 299 -21.86 18.34 -10.06
N SER A 300 -23.00 18.13 -10.72
CA SER A 300 -23.81 19.24 -11.21
C SER A 300 -24.52 20.00 -10.09
N ALA A 301 -24.70 19.36 -8.92
CA ALA A 301 -25.34 20.00 -7.78
C ALA A 301 -24.37 20.79 -6.87
N ASN A 302 -23.07 20.91 -7.27
CA ASN A 302 -22.08 21.69 -6.52
C ASN A 302 -22.52 23.15 -6.46
N ILE A 303 -22.43 23.77 -5.29
CA ILE A 303 -22.78 25.17 -5.10
C ILE A 303 -21.58 25.91 -4.43
N SER A 304 -21.52 27.23 -4.55
CA SER A 304 -20.42 28.02 -3.97
C SER A 304 -20.88 28.69 -2.70
N LEU A 305 -20.06 28.58 -1.63
CA LEU A 305 -20.33 29.23 -0.37
C LEU A 305 -19.08 30.04 -0.08
N ASP A 306 -19.18 31.38 -0.20
CA ASP A 306 -18.05 32.29 0.02
C ASP A 306 -16.83 31.93 -0.85
N GLY A 307 -17.07 31.61 -2.13
CA GLY A 307 -16.02 31.26 -3.08
C GLY A 307 -15.54 29.82 -3.06
N VAL A 308 -16.03 29.04 -2.10
CA VAL A 308 -15.62 27.65 -1.93
C VAL A 308 -16.66 26.67 -2.50
N ASP A 309 -16.23 25.68 -3.31
CA ASP A 309 -17.18 24.71 -3.84
C ASP A 309 -17.62 23.70 -2.77
N VAL A 310 -18.92 23.52 -2.65
CA VAL A 310 -19.51 22.60 -1.69
C VAL A 310 -20.14 21.46 -2.48
N PRO A 311 -19.56 20.26 -2.38
CA PRO A 311 -20.13 19.13 -3.13
C PRO A 311 -21.29 18.52 -2.34
N LEU A 312 -22.42 19.25 -2.26
CA LEU A 312 -23.56 18.79 -1.47
C LEU A 312 -24.62 18.01 -2.27
N GLY A 313 -24.30 17.59 -3.49
CA GLY A 313 -25.24 16.80 -4.28
C GLY A 313 -25.48 15.40 -3.73
N THR A 314 -26.63 14.79 -4.06
CA THR A 314 -26.96 13.43 -3.65
C THR A 314 -25.98 12.48 -4.33
N GLY A 315 -25.70 11.38 -3.67
CA GLY A 315 -24.72 10.42 -4.18
C GLY A 315 -25.12 9.73 -5.48
N ILE A 316 -24.19 9.70 -6.43
CA ILE A 316 -24.38 9.01 -7.72
C ILE A 316 -23.09 8.22 -8.05
N SER A 317 -23.15 7.31 -9.04
CA SER A 317 -21.96 6.59 -9.49
C SER A 317 -20.98 7.58 -10.08
N SER A 318 -19.71 7.43 -9.71
CA SER A 318 -18.64 8.28 -10.23
C SER A 318 -18.11 7.77 -11.60
N GLY A 319 -18.46 6.56 -11.99
CA GLY A 319 -17.93 5.96 -13.20
C GLY A 319 -16.57 5.31 -13.01
N VAL A 320 -16.04 5.33 -11.77
CA VAL A 320 -14.76 4.70 -11.48
C VAL A 320 -14.94 3.22 -11.22
N ASN A 321 -14.23 2.42 -12.01
CA ASN A 321 -14.17 0.96 -11.97
C ASN A 321 -12.94 0.49 -11.17
N ASP A 322 -13.05 -0.67 -10.50
CA ASP A 322 -11.99 -1.31 -9.72
C ASP A 322 -11.27 -0.36 -8.73
N THR A 323 -12.00 0.09 -7.71
CA THR A 323 -11.42 0.95 -6.68
C THR A 323 -11.65 0.34 -5.31
N SER A 324 -10.71 0.50 -4.40
CA SER A 324 -10.86 0.02 -3.02
C SER A 324 -11.86 0.92 -2.21
N LEU A 325 -12.31 2.06 -2.78
CA LEU A 325 -13.12 3.00 -2.03
C LEU A 325 -14.55 3.08 -2.44
N LEU A 326 -15.47 2.99 -1.48
CA LEU A 326 -16.88 3.20 -1.77
C LEU A 326 -17.16 4.69 -1.98
N TYR A 327 -16.43 5.57 -1.27
CA TYR A 327 -16.65 7.01 -1.36
C TYR A 327 -15.31 7.72 -1.46
N ASN A 328 -15.32 8.94 -1.98
CA ASN A 328 -14.12 9.74 -2.12
C ASN A 328 -13.49 10.03 -0.76
N GLU A 329 -12.20 10.27 -0.81
CA GLU A 329 -11.45 10.81 0.28
C GLU A 329 -10.37 11.72 -0.30
N TYR A 330 -10.08 12.78 0.42
CA TYR A 330 -9.15 13.83 0.01
C TYR A 330 -8.10 13.97 1.08
N ILE A 331 -6.84 14.03 0.65
CA ILE A 331 -5.73 14.12 1.58
C ILE A 331 -4.79 15.22 1.21
N VAL A 332 -4.46 16.09 2.17
CA VAL A 332 -3.43 17.10 1.96
C VAL A 332 -2.24 16.77 2.87
N TYR A 333 -1.04 17.12 2.45
CA TYR A 333 0.21 16.81 3.16
C TYR A 333 0.95 18.05 3.70
N ASP A 334 0.27 19.17 3.74
CA ASP A 334 0.76 20.42 4.27
C ASP A 334 -0.40 20.98 5.06
N ILE A 335 -0.18 21.18 6.37
CA ILE A 335 -1.21 21.69 7.28
C ILE A 335 -1.74 23.04 6.86
N ALA A 336 -0.93 23.84 6.13
CA ALA A 336 -1.33 25.17 5.67
C ALA A 336 -2.40 25.11 4.54
N GLN A 337 -2.69 23.90 4.00
CA GLN A 337 -3.73 23.76 2.99
C GLN A 337 -5.15 23.66 3.56
N VAL A 338 -5.30 23.80 4.88
CA VAL A 338 -6.62 23.66 5.51
C VAL A 338 -6.97 24.95 6.28
N ASN A 339 -8.21 25.39 6.15
CA ASN A 339 -8.76 26.51 6.88
C ASN A 339 -10.10 26.04 7.45
N LEU A 340 -10.13 25.68 8.73
CA LEU A 340 -11.35 25.21 9.39
C LEU A 340 -12.41 26.32 9.39
N LYS A 341 -13.64 26.00 8.97
CA LYS A 341 -14.71 26.97 8.84
C LYS A 341 -15.86 26.79 9.81
N TYR A 342 -16.31 25.54 9.98
CA TYR A 342 -17.46 25.23 10.81
C TYR A 342 -17.22 24.00 11.64
N LEU A 343 -17.95 23.91 12.74
CA LEU A 343 -17.93 22.77 13.64
C LEU A 343 -19.41 22.48 13.98
N LEU A 344 -19.87 21.26 13.70
CA LEU A 344 -21.24 20.88 13.97
C LEU A 344 -21.35 19.90 15.12
N LYS A 345 -22.38 20.07 15.95
CA LYS A 345 -22.68 19.09 16.97
C LYS A 345 -23.82 18.25 16.38
N LEU A 346 -23.67 16.93 16.32
CA LEU A 346 -24.70 16.06 15.75
C LEU A 346 -25.25 15.06 16.73
N LYS A 347 -26.55 14.79 16.62
CA LYS A 347 -27.13 13.69 17.36
C LYS A 347 -27.29 12.53 16.39
N PHE A 348 -26.78 11.37 16.75
CA PHE A 348 -26.85 10.14 15.97
C PHE A 348 -28.06 9.36 16.48
N ASN A 349 -29.03 9.11 15.61
CA ASN A 349 -30.21 8.35 15.97
C ASN A 349 -29.93 6.97 15.44
N PHE A 350 -29.57 6.06 16.33
CA PHE A 350 -29.28 4.71 15.93
C PHE A 350 -30.59 3.98 15.72
N LYS A 351 -30.71 3.30 14.59
CA LYS A 351 -31.91 2.58 14.20
C LYS A 351 -31.85 1.07 14.53
N THR A 352 -30.80 0.63 15.20
CA THR A 352 -30.60 -0.78 15.50
C THR A 352 -31.22 -1.12 16.87
N LYS B 3 20.81 -35.49 -35.50
CA LYS B 3 21.27 -34.93 -34.24
C LYS B 3 21.45 -33.42 -34.34
N SER B 4 21.22 -32.71 -33.24
CA SER B 4 21.36 -31.28 -33.21
C SER B 4 22.81 -30.85 -33.26
N LYS B 5 23.05 -29.72 -33.93
CA LYS B 5 24.39 -29.14 -34.01
C LYS B 5 24.55 -27.89 -33.12
N LEU B 6 23.53 -27.57 -32.30
CA LEU B 6 23.58 -26.44 -31.38
C LEU B 6 24.68 -26.69 -30.35
N PRO B 7 25.31 -25.62 -29.84
CA PRO B 7 26.30 -25.81 -28.77
C PRO B 7 25.71 -26.60 -27.59
N LYS B 8 26.48 -27.52 -27.01
CA LYS B 8 26.06 -28.34 -25.88
C LYS B 8 25.39 -27.51 -24.74
N PRO B 9 25.94 -26.35 -24.31
CA PRO B 9 25.25 -25.57 -23.25
C PRO B 9 23.87 -25.05 -23.68
N VAL B 10 23.63 -24.78 -25.00
CA VAL B 10 22.31 -24.35 -25.50
C VAL B 10 21.33 -25.52 -25.48
N GLN B 11 21.79 -26.71 -25.88
CA GLN B 11 20.95 -27.93 -25.83
C GLN B 11 20.53 -28.22 -24.38
N ASP B 12 21.49 -28.12 -23.43
CA ASP B 12 21.22 -28.32 -22.00
C ASP B 12 20.21 -27.31 -21.46
N LEU B 13 20.32 -26.04 -21.87
CA LEU B 13 19.38 -24.96 -21.51
C LEU B 13 17.97 -25.30 -22.07
N ILE B 14 17.86 -25.75 -23.34
CA ILE B 14 16.56 -26.14 -23.93
C ILE B 14 15.93 -27.28 -23.14
N LYS B 15 16.73 -28.28 -22.79
CA LYS B 15 16.24 -29.41 -21.99
C LYS B 15 15.70 -28.92 -20.62
N MET B 16 16.42 -27.98 -20.00
CA MET B 16 16.00 -27.40 -18.71
C MET B 16 14.62 -26.75 -18.80
N ILE B 17 14.41 -25.95 -19.86
CA ILE B 17 13.22 -25.14 -20.08
C ILE B 17 11.97 -25.96 -20.44
N PHE B 18 12.15 -26.96 -21.31
CA PHE B 18 11.01 -27.76 -21.75
C PHE B 18 10.81 -29.06 -20.97
N ASP B 19 11.30 -29.13 -19.74
CA ASP B 19 11.16 -30.32 -18.90
C ASP B 19 9.74 -30.45 -18.31
N VAL B 20 8.94 -31.38 -18.85
CA VAL B 20 7.57 -31.65 -18.39
C VAL B 20 7.53 -32.12 -16.93
N GLU B 21 8.50 -32.94 -16.51
CA GLU B 21 8.55 -33.42 -15.13
C GLU B 21 8.88 -32.29 -14.14
N SER B 22 9.59 -31.24 -14.59
CA SER B 22 9.85 -30.08 -13.74
C SER B 22 8.55 -29.30 -13.53
N MET B 23 7.73 -29.18 -14.58
CA MET B 23 6.44 -28.50 -14.49
C MET B 23 5.54 -29.19 -13.49
N LYS B 24 5.57 -30.55 -13.47
CA LYS B 24 4.76 -31.36 -12.57
C LYS B 24 5.21 -31.22 -11.15
N LYS B 25 6.52 -31.21 -10.92
CA LYS B 25 7.06 -31.04 -9.58
C LYS B 25 6.74 -29.68 -9.02
N ALA B 26 6.72 -28.63 -9.86
CA ALA B 26 6.33 -27.29 -9.39
C ALA B 26 4.87 -27.31 -8.95
N MET B 27 3.99 -27.97 -9.71
CA MET B 27 2.58 -28.10 -9.32
C MET B 27 2.43 -28.93 -8.02
N VAL B 28 3.17 -30.05 -7.87
CA VAL B 28 3.08 -30.83 -6.63
C VAL B 28 3.64 -30.07 -5.42
N GLU B 29 4.62 -29.18 -5.63
CA GLU B 29 5.17 -28.37 -4.55
C GLU B 29 4.12 -27.37 -4.04
N TYR B 30 3.26 -26.84 -4.93
CA TYR B 30 2.16 -25.96 -4.53
C TYR B 30 0.97 -26.72 -3.90
N GLU B 31 1.07 -28.06 -3.82
CA GLU B 31 0.09 -28.98 -3.29
C GLU B 31 -1.16 -29.04 -4.17
N ILE B 32 -1.00 -28.81 -5.48
CA ILE B 32 -2.09 -28.93 -6.41
C ILE B 32 -2.39 -30.44 -6.57
N ASP B 33 -3.68 -30.80 -6.64
CA ASP B 33 -4.06 -32.19 -6.77
C ASP B 33 -3.92 -32.56 -8.24
N LEU B 34 -2.82 -33.24 -8.62
CA LEU B 34 -2.55 -33.64 -9.99
C LEU B 34 -3.48 -34.73 -10.51
N GLN B 35 -4.14 -35.48 -9.62
CA GLN B 35 -5.10 -36.49 -10.04
C GLN B 35 -6.34 -35.77 -10.58
N LYS B 36 -6.81 -34.72 -9.89
CA LYS B 36 -7.95 -33.92 -10.31
C LYS B 36 -7.57 -32.92 -11.41
N MET B 37 -6.38 -32.34 -11.31
CA MET B 37 -5.93 -31.36 -12.29
C MET B 37 -4.56 -31.68 -12.81
N PRO B 38 -4.45 -32.65 -13.73
CA PRO B 38 -3.14 -32.92 -14.32
C PRO B 38 -2.67 -31.75 -15.16
N LEU B 39 -1.37 -31.69 -15.42
CA LEU B 39 -0.72 -30.65 -16.20
C LEU B 39 -1.47 -30.32 -17.51
N GLY B 40 -1.89 -31.36 -18.24
CA GLY B 40 -2.62 -31.22 -19.51
C GLY B 40 -3.97 -30.53 -19.40
N LYS B 41 -4.59 -30.60 -18.21
CA LYS B 41 -5.88 -29.97 -17.96
C LYS B 41 -5.81 -28.59 -17.31
N LEU B 42 -4.59 -28.06 -17.09
CA LEU B 42 -4.43 -26.69 -16.55
C LEU B 42 -4.87 -25.73 -17.65
N SER B 43 -5.77 -24.80 -17.33
CA SER B 43 -6.35 -23.90 -18.31
C SER B 43 -6.10 -22.42 -18.02
N LYS B 44 -5.85 -21.63 -19.08
CA LYS B 44 -5.63 -20.20 -18.96
C LYS B 44 -6.88 -19.50 -18.41
N ARG B 45 -8.07 -19.92 -18.87
CA ARG B 45 -9.35 -19.36 -18.45
C ARG B 45 -9.58 -19.69 -16.96
N GLN B 46 -9.20 -20.90 -16.53
CA GLN B 46 -9.30 -21.36 -15.14
C GLN B 46 -8.45 -20.48 -14.23
N ILE B 47 -7.17 -20.25 -14.59
CA ILE B 47 -6.28 -19.37 -13.83
C ILE B 47 -6.85 -17.95 -13.79
N GLN B 48 -7.34 -17.44 -14.94
CA GLN B 48 -7.96 -16.10 -14.99
C GLN B 48 -9.16 -15.97 -14.03
N ALA B 49 -10.00 -17.03 -13.95
CA ALA B 49 -11.14 -17.06 -13.03
C ALA B 49 -10.64 -17.07 -11.57
N ALA B 50 -9.54 -17.81 -11.30
CA ALA B 50 -8.96 -17.84 -9.97
C ALA B 50 -8.43 -16.46 -9.58
N TYR B 51 -7.88 -15.70 -10.56
CA TYR B 51 -7.44 -14.32 -10.30
C TYR B 51 -8.64 -13.44 -9.92
N SER B 52 -9.76 -13.63 -10.59
CA SER B 52 -10.99 -12.89 -10.31
C SER B 52 -11.50 -13.17 -8.88
N ILE B 53 -11.35 -14.40 -8.39
CA ILE B 53 -11.74 -14.71 -7.00
C ILE B 53 -10.85 -13.94 -6.04
N LEU B 54 -9.55 -13.90 -6.31
CA LEU B 54 -8.58 -13.15 -5.49
C LEU B 54 -8.84 -11.64 -5.54
N SER B 55 -9.31 -11.13 -6.69
CA SER B 55 -9.67 -9.70 -6.81
C SER B 55 -10.95 -9.44 -6.00
N GLU B 56 -11.85 -10.43 -5.90
CA GLU B 56 -13.07 -10.36 -5.09
C GLU B 56 -12.69 -10.32 -3.61
N VAL B 57 -11.68 -11.11 -3.20
CA VAL B 57 -11.15 -11.10 -1.83
C VAL B 57 -10.60 -9.70 -1.54
N GLN B 58 -9.82 -9.12 -2.47
CA GLN B 58 -9.32 -7.75 -2.35
C GLN B 58 -10.44 -6.74 -2.09
N GLN B 59 -11.52 -6.82 -2.88
CA GLN B 59 -12.63 -5.89 -2.72
C GLN B 59 -13.32 -6.08 -1.36
N ALA B 60 -13.44 -7.33 -0.90
CA ALA B 60 -14.03 -7.66 0.39
C ALA B 60 -13.18 -7.15 1.56
N VAL B 61 -11.86 -7.29 1.47
CA VAL B 61 -10.94 -6.77 2.49
C VAL B 61 -11.11 -5.23 2.64
N SER B 62 -11.12 -4.49 1.52
CA SER B 62 -11.31 -3.04 1.58
C SER B 62 -12.68 -2.63 2.16
N GLN B 63 -13.75 -3.41 1.94
CA GLN B 63 -15.06 -3.13 2.56
C GLN B 63 -14.97 -3.22 4.10
N GLY B 64 -14.16 -4.14 4.61
CA GLY B 64 -13.91 -4.28 6.05
C GLY B 64 -14.89 -5.07 6.89
N SER B 65 -16.11 -5.32 6.39
CA SER B 65 -17.08 -6.11 7.14
C SER B 65 -17.57 -7.29 6.28
N SER B 66 -16.64 -7.92 5.54
CA SER B 66 -16.95 -9.03 4.65
C SER B 66 -16.11 -10.27 4.95
N ASP B 67 -15.73 -10.47 6.21
CA ASP B 67 -14.90 -11.61 6.60
C ASP B 67 -15.60 -12.96 6.31
N SER B 68 -16.93 -13.01 6.39
CA SER B 68 -17.74 -14.19 6.09
C SER B 68 -17.70 -14.50 4.58
N GLN B 69 -17.79 -13.44 3.76
CA GLN B 69 -17.72 -13.57 2.31
C GLN B 69 -16.34 -14.09 1.91
N ILE B 70 -15.28 -13.58 2.56
CA ILE B 70 -13.90 -14.00 2.34
C ILE B 70 -13.75 -15.51 2.58
N LEU B 71 -14.49 -16.05 3.56
CA LEU B 71 -14.47 -17.49 3.81
C LEU B 71 -15.04 -18.27 2.62
N ASP B 72 -16.18 -17.83 2.08
CA ASP B 72 -16.81 -18.47 0.93
C ASP B 72 -15.93 -18.37 -0.30
N LEU B 73 -15.31 -17.19 -0.52
CA LEU B 73 -14.39 -16.98 -1.66
C LEU B 73 -13.17 -17.89 -1.52
N SER B 74 -12.70 -18.10 -0.27
CA SER B 74 -11.54 -18.96 -0.03
C SER B 74 -11.91 -20.39 -0.38
N ASN B 75 -13.09 -20.88 0.05
CA ASN B 75 -13.59 -22.22 -0.30
C ASN B 75 -13.76 -22.38 -1.80
N ARG B 76 -14.25 -21.32 -2.48
CA ARG B 76 -14.44 -21.35 -3.93
C ARG B 76 -13.13 -21.41 -4.66
N PHE B 77 -12.09 -20.76 -4.15
CA PHE B 77 -10.76 -20.81 -4.78
C PHE B 77 -10.25 -22.27 -4.76
N TYR B 78 -10.38 -22.93 -3.63
CA TYR B 78 -9.96 -24.34 -3.49
C TYR B 78 -10.85 -25.33 -4.27
N THR B 79 -12.01 -24.88 -4.73
CA THR B 79 -12.89 -25.66 -5.58
C THR B 79 -12.42 -25.46 -7.03
N LEU B 80 -12.13 -24.19 -7.40
CA LEU B 80 -11.67 -23.89 -8.74
C LEU B 80 -10.31 -24.53 -9.04
N ILE B 81 -9.34 -24.43 -8.11
CA ILE B 81 -8.00 -24.98 -8.32
C ILE B 81 -7.84 -26.08 -7.30
N PRO B 82 -8.10 -27.34 -7.68
CA PRO B 82 -8.05 -28.42 -6.68
C PRO B 82 -6.67 -28.61 -6.08
N HIS B 83 -6.65 -28.72 -4.78
CA HIS B 83 -5.45 -28.94 -4.01
C HIS B 83 -5.61 -30.22 -3.20
N ASP B 84 -4.49 -30.83 -2.85
CA ASP B 84 -4.48 -32.00 -2.01
C ASP B 84 -3.52 -31.68 -0.87
N PHE B 85 -4.08 -31.22 0.26
CA PHE B 85 -3.29 -30.90 1.44
C PHE B 85 -3.17 -32.12 2.42
N GLY B 86 -3.53 -33.32 1.96
CA GLY B 86 -3.51 -34.53 2.78
C GLY B 86 -4.53 -34.40 3.88
N MET B 87 -4.06 -34.44 5.13
CA MET B 87 -4.91 -34.26 6.30
C MET B 87 -4.91 -32.83 6.86
N LYS B 88 -4.06 -31.96 6.32
CA LYS B 88 -3.99 -30.58 6.73
C LYS B 88 -5.09 -29.76 6.06
N LYS B 89 -5.47 -28.65 6.71
CA LYS B 89 -6.48 -27.76 6.16
C LYS B 89 -5.84 -26.82 5.17
N PRO B 90 -6.55 -26.53 4.07
CA PRO B 90 -6.04 -25.55 3.11
C PRO B 90 -5.92 -24.17 3.79
N PRO B 91 -4.81 -23.46 3.54
CA PRO B 91 -4.64 -22.13 4.16
C PRO B 91 -5.82 -21.21 3.87
N LEU B 92 -6.47 -20.74 4.92
CA LEU B 92 -7.60 -19.84 4.77
C LEU B 92 -7.12 -18.51 4.19
N LEU B 93 -7.76 -18.02 3.12
CA LEU B 93 -7.32 -16.78 2.48
C LEU B 93 -7.86 -15.55 3.18
N ASN B 94 -7.72 -15.51 4.52
CA ASN B 94 -8.16 -14.43 5.40
C ASN B 94 -7.02 -13.49 5.85
N ASN B 95 -5.80 -13.68 5.33
CA ASN B 95 -4.67 -12.82 5.68
C ASN B 95 -3.85 -12.46 4.44
N ALA B 96 -3.22 -11.28 4.48
CA ALA B 96 -2.41 -10.74 3.40
C ALA B 96 -1.37 -11.72 2.90
N ASP B 97 -0.75 -12.46 3.82
CA ASP B 97 0.30 -13.42 3.51
C ASP B 97 -0.24 -14.59 2.69
N SER B 98 -1.33 -15.23 3.13
CA SER B 98 -1.93 -16.36 2.43
C SER B 98 -2.42 -15.94 1.04
N VAL B 99 -3.10 -14.79 0.93
CA VAL B 99 -3.60 -14.32 -0.36
C VAL B 99 -2.44 -14.01 -1.30
N GLN B 100 -1.39 -13.37 -0.76
CA GLN B 100 -0.19 -13.03 -1.51
C GLN B 100 0.46 -14.27 -2.12
N ALA B 101 0.49 -15.35 -1.34
CA ALA B 101 1.04 -16.63 -1.75
C ALA B 101 0.26 -17.21 -2.97
N LYS B 102 -1.08 -17.09 -2.97
CA LYS B 102 -1.90 -17.58 -4.08
C LYS B 102 -1.75 -16.73 -5.33
N VAL B 103 -1.59 -15.41 -5.18
CA VAL B 103 -1.38 -14.48 -6.30
C VAL B 103 -0.12 -14.92 -7.08
N GLU B 104 0.98 -15.13 -6.33
CA GLU B 104 2.26 -15.59 -6.86
C GLU B 104 2.16 -17.00 -7.47
N MET B 105 1.40 -17.91 -6.83
CA MET B 105 1.16 -19.24 -7.38
C MET B 105 0.47 -19.15 -8.77
N LEU B 106 -0.56 -18.30 -8.88
CA LEU B 106 -1.26 -18.12 -10.16
C LEU B 106 -0.35 -17.53 -11.22
N ASP B 107 0.54 -16.57 -10.85
CA ASP B 107 1.52 -15.99 -11.78
C ASP B 107 2.39 -17.10 -12.40
N ASN B 108 2.76 -18.09 -11.57
CA ASN B 108 3.53 -19.22 -11.99
C ASN B 108 2.74 -20.22 -12.81
N LEU B 109 1.51 -20.56 -12.38
CA LEU B 109 0.66 -21.48 -13.15
C LEU B 109 0.37 -20.92 -14.53
N LEU B 110 0.16 -19.62 -14.64
CA LEU B 110 -0.07 -18.96 -15.93
C LEU B 110 1.10 -19.21 -16.88
N ASP B 111 2.36 -19.11 -16.38
CA ASP B 111 3.54 -19.35 -17.20
C ASP B 111 3.82 -20.80 -17.45
N ILE B 112 3.42 -21.68 -16.53
CA ILE B 112 3.52 -23.12 -16.75
C ILE B 112 2.53 -23.51 -17.86
N GLU B 113 1.33 -22.92 -17.87
CA GLU B 113 0.33 -23.20 -18.91
C GLU B 113 0.87 -22.70 -20.26
N VAL B 114 1.49 -21.52 -20.29
CA VAL B 114 2.07 -20.99 -21.54
C VAL B 114 3.18 -21.95 -22.03
N ALA B 115 4.03 -22.41 -21.10
CA ALA B 115 5.12 -23.31 -21.48
C ALA B 115 4.59 -24.65 -22.02
N TYR B 116 3.60 -25.23 -21.34
CA TYR B 116 3.01 -26.51 -21.74
C TYR B 116 2.29 -26.45 -23.09
N SER B 117 1.52 -25.37 -23.35
CA SER B 117 0.82 -25.24 -24.63
C SER B 117 1.77 -24.92 -25.78
N LEU B 118 2.88 -24.24 -25.51
CA LEU B 118 3.90 -23.98 -26.53
C LEU B 118 4.52 -25.32 -26.97
N LEU B 119 4.82 -26.18 -26.01
CA LEU B 119 5.42 -27.48 -26.25
C LEU B 119 4.46 -28.43 -27.00
N ARG B 120 3.16 -28.34 -26.69
CA ARG B 120 2.14 -29.19 -27.31
C ARG B 120 1.54 -28.60 -28.61
N GLY B 121 2.02 -27.44 -29.05
CA GLY B 121 1.51 -26.81 -30.25
C GLY B 121 2.54 -26.71 -31.36
N GLY B 122 2.26 -25.89 -32.36
CA GLY B 122 3.16 -25.71 -33.49
C GLY B 122 3.06 -26.79 -34.54
N SER B 123 4.19 -27.21 -35.11
CA SER B 123 4.22 -28.25 -36.13
C SER B 123 4.94 -29.52 -35.62
N ASP B 124 4.34 -30.69 -35.86
CA ASP B 124 4.90 -31.98 -35.42
C ASP B 124 5.77 -32.57 -36.53
N ASP B 125 7.10 -32.59 -36.35
CA ASP B 125 8.04 -33.12 -37.34
C ASP B 125 9.10 -34.02 -36.69
N SER B 126 8.87 -35.34 -36.68
CA SER B 126 9.82 -36.28 -36.06
C SER B 126 11.11 -36.51 -36.86
N SER B 127 11.25 -35.92 -38.05
CA SER B 127 12.49 -36.03 -38.83
C SER B 127 13.62 -35.14 -38.22
N LYS B 128 13.27 -34.16 -37.36
CA LYS B 128 14.24 -33.29 -36.70
C LYS B 128 14.49 -33.77 -35.25
N ASP B 129 15.63 -33.39 -34.69
CA ASP B 129 15.97 -33.67 -33.30
C ASP B 129 15.02 -32.83 -32.42
N PRO B 130 14.39 -33.42 -31.38
CA PRO B 130 13.46 -32.63 -30.55
C PRO B 130 14.04 -31.33 -29.96
N ILE B 131 15.36 -31.28 -29.69
CA ILE B 131 16.05 -30.10 -29.17
C ILE B 131 15.95 -28.94 -30.16
N ASP B 132 16.14 -29.24 -31.44
CA ASP B 132 16.04 -28.22 -32.48
C ASP B 132 14.61 -27.75 -32.64
N VAL B 133 13.65 -28.68 -32.57
CA VAL B 133 12.22 -28.35 -32.68
C VAL B 133 11.83 -27.43 -31.52
N ASN B 134 12.24 -27.79 -30.29
CA ASN B 134 11.97 -26.98 -29.09
C ASN B 134 12.72 -25.63 -29.10
N TYR B 135 13.93 -25.59 -29.66
CA TYR B 135 14.69 -24.33 -29.76
C TYR B 135 13.92 -23.32 -30.63
N GLU B 136 13.37 -23.81 -31.75
CA GLU B 136 12.59 -23.01 -32.69
C GLU B 136 11.38 -22.39 -32.02
N LYS B 137 10.69 -23.15 -31.16
CA LYS B 137 9.50 -22.70 -30.43
C LYS B 137 9.74 -21.44 -29.61
N LEU B 138 10.98 -21.21 -29.18
CA LEU B 138 11.31 -20.04 -28.37
C LEU B 138 11.39 -18.74 -29.20
N LYS B 139 11.56 -18.85 -30.55
CA LYS B 139 11.69 -17.72 -31.48
C LYS B 139 12.67 -16.70 -30.95
N THR B 140 13.82 -17.19 -30.50
CA THR B 140 14.83 -16.38 -29.87
C THR B 140 16.20 -16.93 -30.31
N ASP B 141 17.10 -16.04 -30.74
CA ASP B 141 18.45 -16.46 -31.08
C ASP B 141 19.21 -16.57 -29.76
N ILE B 142 19.76 -17.76 -29.45
CA ILE B 142 20.52 -17.97 -28.23
C ILE B 142 21.96 -18.35 -28.59
N LYS B 143 22.94 -17.58 -28.11
CA LYS B 143 24.35 -17.87 -28.33
C LYS B 143 25.08 -17.96 -26.99
N VAL B 144 26.16 -18.75 -26.93
CA VAL B 144 26.94 -18.85 -25.70
C VAL B 144 28.02 -17.79 -25.68
N VAL B 145 28.06 -17.02 -24.61
CA VAL B 145 29.06 -16.00 -24.43
C VAL B 145 30.37 -16.65 -23.98
N ASP B 146 31.46 -16.46 -24.76
CA ASP B 146 32.78 -17.03 -24.43
C ASP B 146 33.21 -16.53 -23.02
N ARG B 147 33.53 -17.47 -22.12
CA ARG B 147 33.91 -17.21 -20.72
C ARG B 147 35.10 -16.28 -20.54
N ASP B 148 35.98 -16.20 -21.55
CA ASP B 148 37.14 -15.31 -21.47
C ASP B 148 36.88 -13.92 -22.05
N SER B 149 35.65 -13.64 -22.49
CA SER B 149 35.33 -12.37 -23.12
C SER B 149 35.15 -11.27 -22.10
N GLU B 150 35.20 -10.01 -22.57
CA GLU B 150 34.96 -8.88 -21.69
C GLU B 150 33.52 -8.88 -21.22
N GLU B 151 32.53 -9.28 -22.09
CA GLU B 151 31.14 -9.33 -21.60
C GLU B 151 30.99 -10.34 -20.45
N ALA B 152 31.67 -11.52 -20.52
CA ALA B 152 31.58 -12.49 -19.41
C ALA B 152 32.22 -11.97 -18.15
N GLU B 153 33.37 -11.25 -18.23
CA GLU B 153 34.04 -10.68 -17.04
C GLU B 153 33.12 -9.67 -16.36
N ILE B 154 32.48 -8.78 -17.14
CA ILE B 154 31.57 -7.77 -16.60
C ILE B 154 30.37 -8.46 -15.92
N ILE B 155 29.76 -9.41 -16.62
CA ILE B 155 28.62 -10.13 -16.05
C ILE B 155 28.99 -10.89 -14.76
N ARG B 156 30.17 -11.55 -14.70
CA ARG B 156 30.60 -12.21 -13.47
C ARG B 156 30.82 -11.23 -12.34
N LYS B 157 31.39 -10.06 -12.64
CA LYS B 157 31.62 -9.04 -11.63
C LYS B 157 30.29 -8.54 -11.05
N TYR B 158 29.29 -8.32 -11.90
CA TYR B 158 27.95 -7.91 -11.47
C TYR B 158 27.38 -8.97 -10.47
N VAL B 159 27.48 -10.28 -10.81
CA VAL B 159 27.06 -11.39 -9.95
C VAL B 159 27.81 -11.42 -8.61
N LYS B 160 29.15 -11.31 -8.66
CA LYS B 160 30.03 -11.36 -7.49
C LYS B 160 29.81 -10.18 -6.53
N ASN B 161 29.72 -8.96 -7.07
CA ASN B 161 29.57 -7.75 -6.26
C ASN B 161 28.17 -7.55 -5.65
N THR B 162 27.09 -8.01 -6.32
CA THR B 162 25.75 -7.70 -5.83
C THR B 162 25.01 -8.87 -5.10
N HIS B 163 25.75 -9.73 -4.35
CA HIS B 163 25.11 -10.76 -3.53
C HIS B 163 25.05 -10.22 -2.11
N ALA B 164 23.85 -9.91 -1.61
CA ALA B 164 23.62 -9.35 -0.26
C ALA B 164 24.06 -10.30 0.83
N THR B 165 24.73 -9.78 1.88
CA THR B 165 25.20 -10.56 3.05
C THR B 165 24.05 -11.24 3.79
N THR B 166 22.86 -10.58 3.82
CA THR B 166 21.66 -11.14 4.44
C THR B 166 21.18 -12.39 3.72
N HIS B 167 21.36 -12.46 2.40
CA HIS B 167 20.94 -13.63 1.63
C HIS B 167 22.06 -14.66 1.74
N ASN B 168 22.14 -15.33 2.90
CA ASN B 168 23.21 -16.30 3.14
C ASN B 168 22.73 -17.75 3.17
N ALA B 169 21.53 -18.02 2.65
CA ALA B 169 21.06 -19.39 2.53
C ALA B 169 21.86 -20.15 1.42
N TYR B 170 22.58 -19.41 0.54
CA TYR B 170 23.35 -19.97 -0.58
C TYR B 170 24.34 -18.97 -1.16
N ASP B 171 25.29 -19.48 -1.95
CA ASP B 171 26.14 -18.63 -2.76
C ASP B 171 25.95 -19.05 -4.23
N LEU B 172 26.34 -18.20 -5.17
CA LEU B 172 26.10 -18.43 -6.57
C LEU B 172 27.36 -18.60 -7.36
N GLU B 173 27.29 -19.46 -8.37
CA GLU B 173 28.37 -19.65 -9.33
C GLU B 173 27.76 -19.53 -10.73
N VAL B 174 28.37 -18.73 -11.62
CA VAL B 174 27.87 -18.65 -12.99
C VAL B 174 28.34 -19.90 -13.73
N ILE B 175 27.41 -20.67 -14.30
CA ILE B 175 27.73 -21.86 -15.07
C ILE B 175 27.86 -21.44 -16.55
N ASP B 176 26.82 -20.79 -17.11
CA ASP B 176 26.82 -20.35 -18.51
C ASP B 176 26.17 -19.00 -18.65
N ILE B 177 26.67 -18.21 -19.61
CA ILE B 177 26.09 -16.92 -19.93
C ILE B 177 25.64 -17.00 -21.37
N PHE B 178 24.37 -16.76 -21.61
CA PHE B 178 23.83 -16.77 -22.96
C PHE B 178 23.46 -15.37 -23.38
N LYS B 179 23.81 -15.00 -24.61
CA LYS B 179 23.39 -13.73 -25.18
C LYS B 179 22.10 -14.07 -25.93
N ILE B 180 20.99 -13.35 -25.66
CA ILE B 180 19.71 -13.69 -26.26
C ILE B 180 19.10 -12.55 -27.06
N GLU B 181 18.35 -12.90 -28.10
CA GLU B 181 17.68 -11.91 -28.92
C GLU B 181 16.34 -12.46 -29.33
N ARG B 182 15.28 -12.06 -28.60
CA ARG B 182 13.92 -12.47 -28.89
C ARG B 182 13.50 -11.88 -30.23
N GLU B 183 12.89 -12.68 -31.10
CA GLU B 183 12.43 -12.17 -32.41
C GLU B 183 11.45 -11.02 -32.26
N GLY B 184 11.72 -9.93 -32.97
CA GLY B 184 10.90 -8.72 -32.96
C GLY B 184 11.06 -7.81 -31.75
N GLU B 185 11.81 -8.26 -30.73
CA GLU B 185 11.95 -7.46 -29.51
C GLU B 185 12.73 -6.17 -29.70
N CYS B 186 13.83 -6.19 -30.47
CA CYS B 186 14.62 -4.99 -30.72
C CYS B 186 13.80 -3.92 -31.42
N GLN B 187 12.97 -4.35 -32.38
CA GLN B 187 12.07 -3.52 -33.16
C GLN B 187 11.01 -2.88 -32.24
N ARG B 188 10.51 -3.65 -31.26
CA ARG B 188 9.52 -3.19 -30.27
C ARG B 188 10.13 -2.20 -29.29
N TYR B 189 11.37 -2.42 -28.87
CA TYR B 189 12.08 -1.56 -27.90
C TYR B 189 12.65 -0.28 -28.54
N LYS B 190 12.86 -0.28 -29.88
CA LYS B 190 13.46 0.86 -30.60
C LYS B 190 12.91 2.24 -30.17
N PRO B 191 11.58 2.48 -30.14
CA PRO B 191 11.08 3.79 -29.67
C PRO B 191 11.53 4.19 -28.26
N PHE B 192 11.70 3.20 -27.39
CA PHE B 192 12.10 3.42 -26.01
C PHE B 192 13.61 3.65 -25.83
N LYS B 193 14.44 3.41 -26.88
CA LYS B 193 15.87 3.71 -26.78
C LYS B 193 16.12 5.25 -26.68
N GLN B 194 15.11 6.08 -27.08
CA GLN B 194 15.14 7.53 -26.93
C GLN B 194 14.80 7.99 -25.49
N LEU B 195 14.57 7.04 -24.58
CA LEU B 195 14.38 7.32 -23.16
C LEU B 195 15.78 7.27 -22.56
N HIS B 196 16.04 8.15 -21.63
CA HIS B 196 17.30 8.16 -20.90
C HIS B 196 17.23 7.08 -19.80
N ASN B 197 18.28 6.96 -19.00
CA ASN B 197 18.34 6.05 -17.87
C ASN B 197 18.14 4.59 -18.26
N ARG B 198 18.77 4.16 -19.35
CA ARG B 198 18.71 2.77 -19.77
C ARG B 198 19.64 1.99 -18.86
N ARG B 199 19.13 0.92 -18.23
CA ARG B 199 19.94 0.18 -17.28
C ARG B 199 19.90 -1.35 -17.46
N LEU B 200 21.00 -2.03 -17.16
CA LEU B 200 21.07 -3.49 -17.22
C LEU B 200 20.70 -4.03 -15.85
N LEU B 201 19.54 -4.65 -15.77
CA LEU B 201 19.01 -5.11 -14.50
C LEU B 201 18.69 -6.60 -14.46
N TRP B 202 18.65 -7.18 -13.27
CA TRP B 202 18.31 -8.59 -13.10
C TRP B 202 16.82 -8.89 -13.04
N HIS B 203 16.43 -10.05 -13.59
CA HIS B 203 15.06 -10.53 -13.45
C HIS B 203 15.13 -12.04 -13.25
N GLY B 204 14.94 -12.47 -12.02
CA GLY B 204 14.92 -13.88 -11.67
C GLY B 204 13.53 -14.45 -11.81
N SER B 205 13.44 -15.71 -12.18
CA SER B 205 12.16 -16.41 -12.30
C SER B 205 12.35 -17.91 -12.18
N ARG B 206 11.27 -18.64 -11.85
CA ARG B 206 11.33 -20.09 -11.78
C ARG B 206 11.66 -20.65 -13.15
N THR B 207 12.49 -21.70 -13.22
CA THR B 207 12.94 -22.31 -14.47
C THR B 207 11.75 -22.65 -15.38
N THR B 208 10.59 -23.00 -14.77
CA THR B 208 9.32 -23.32 -15.45
C THR B 208 8.64 -22.16 -16.16
N ASN B 209 9.09 -20.93 -15.92
CA ASN B 209 8.50 -19.77 -16.57
C ASN B 209 9.25 -19.39 -17.86
N PHE B 210 10.46 -19.93 -18.10
CA PHE B 210 11.33 -19.49 -19.17
C PHE B 210 10.88 -19.81 -20.60
N ALA B 211 10.06 -20.86 -20.83
CA ALA B 211 9.55 -21.10 -22.20
C ALA B 211 8.61 -19.96 -22.59
N GLY B 212 7.80 -19.51 -21.64
CA GLY B 212 6.92 -18.39 -21.84
C GLY B 212 7.67 -17.07 -21.91
N ILE B 213 8.63 -16.85 -20.98
CA ILE B 213 9.43 -15.63 -20.98
C ILE B 213 10.21 -15.47 -22.31
N LEU B 214 10.83 -16.52 -22.83
CA LEU B 214 11.56 -16.41 -24.10
C LEU B 214 10.65 -16.28 -25.33
N SER B 215 9.54 -17.06 -25.41
CA SER B 215 8.65 -16.93 -26.56
C SER B 215 7.79 -15.65 -26.58
N GLN B 216 7.30 -15.20 -25.42
CA GLN B 216 6.40 -14.05 -25.33
C GLN B 216 7.00 -12.79 -24.69
N GLY B 217 8.17 -12.92 -24.09
CA GLY B 217 8.83 -11.82 -23.40
C GLY B 217 8.28 -11.64 -22.00
N LEU B 218 8.88 -10.75 -21.21
CA LEU B 218 8.35 -10.48 -19.87
C LEU B 218 7.01 -9.72 -20.03
N ARG B 219 5.98 -10.14 -19.29
CA ARG B 219 4.65 -9.53 -19.35
C ARG B 219 4.16 -9.06 -17.98
N ILE B 220 3.17 -8.18 -18.02
CA ILE B 220 2.54 -7.65 -16.83
C ILE B 220 1.42 -8.62 -16.40
N ALA B 221 1.09 -8.66 -15.10
CA ALA B 221 0.00 -9.49 -14.58
C ALA B 221 -1.32 -9.17 -15.32
N PRO B 222 -2.17 -10.18 -15.60
CA PRO B 222 -3.39 -9.92 -16.38
C PRO B 222 -4.39 -8.97 -15.71
N PRO B 223 -5.37 -8.44 -16.48
CA PRO B 223 -6.35 -7.51 -15.88
C PRO B 223 -7.13 -8.11 -14.71
N GLU B 224 -7.33 -9.44 -14.73
CA GLU B 224 -8.08 -10.14 -13.68
C GLU B 224 -7.34 -10.17 -12.33
N ALA B 225 -6.02 -10.04 -12.33
CA ALA B 225 -5.22 -10.08 -11.11
C ALA B 225 -5.49 -8.90 -10.18
N PRO B 226 -5.46 -9.09 -8.84
CA PRO B 226 -5.71 -7.96 -7.93
C PRO B 226 -4.45 -7.09 -7.91
N VAL B 227 -4.63 -5.78 -8.05
CA VAL B 227 -3.52 -4.83 -8.09
C VAL B 227 -2.78 -4.80 -6.76
N THR B 228 -3.49 -5.07 -5.63
CA THR B 228 -2.85 -5.09 -4.31
C THR B 228 -1.94 -6.32 -4.08
N GLY B 229 -2.00 -7.31 -4.97
CA GLY B 229 -1.10 -8.46 -4.85
C GLY B 229 0.30 -8.20 -5.36
N TYR B 230 0.60 -6.95 -5.74
CA TYR B 230 1.91 -6.59 -6.27
C TYR B 230 2.29 -5.29 -5.60
N MET B 231 3.45 -5.25 -4.95
CA MET B 231 3.93 -4.11 -4.17
C MET B 231 3.81 -2.74 -4.85
N PHE B 232 4.16 -2.66 -6.13
CA PHE B 232 4.08 -1.44 -6.92
C PHE B 232 3.15 -1.59 -8.10
N GLY B 233 2.11 -2.40 -7.96
CA GLY B 233 1.14 -2.59 -9.02
C GLY B 233 1.59 -3.52 -10.11
N LYS B 234 0.79 -3.60 -11.16
CA LYS B 234 1.03 -4.54 -12.23
C LYS B 234 2.01 -4.03 -13.25
N GLY B 235 3.27 -4.31 -13.01
CA GLY B 235 4.36 -3.93 -13.90
C GLY B 235 5.34 -5.09 -14.04
N ILE B 236 6.52 -4.81 -14.60
CA ILE B 236 7.60 -5.79 -14.74
C ILE B 236 8.69 -5.38 -13.79
N TYR B 237 9.04 -6.27 -12.84
CA TYR B 237 9.95 -6.03 -11.74
C TYR B 237 11.38 -6.49 -11.99
N PHE B 238 12.34 -5.65 -11.62
CA PHE B 238 13.77 -5.94 -11.75
C PHE B 238 14.46 -5.53 -10.45
N ALA B 239 15.70 -6.00 -10.28
CA ALA B 239 16.51 -5.65 -9.14
C ALA B 239 17.94 -5.36 -9.66
N ASP B 240 18.71 -4.61 -8.90
CA ASP B 240 20.13 -4.37 -9.21
C ASP B 240 21.06 -5.26 -8.33
N MET B 241 20.48 -6.08 -7.43
CA MET B 241 21.20 -7.03 -6.59
C MET B 241 20.86 -8.42 -7.07
N VAL B 242 21.88 -9.17 -7.56
CA VAL B 242 21.65 -10.50 -8.09
C VAL B 242 20.94 -11.46 -7.11
N SER B 243 21.23 -11.41 -5.80
CA SER B 243 20.62 -12.32 -4.83
C SER B 243 19.15 -12.05 -4.60
N LYS B 244 18.73 -10.78 -4.72
CA LYS B 244 17.31 -10.42 -4.55
C LYS B 244 16.49 -11.07 -5.66
N SER B 245 17.01 -10.96 -6.89
CA SER B 245 16.42 -11.53 -8.07
C SER B 245 16.52 -13.04 -8.05
N ALA B 246 17.67 -13.59 -7.65
CA ALA B 246 17.88 -15.04 -7.57
C ALA B 246 16.89 -15.68 -6.63
N ASN B 247 16.47 -14.98 -5.56
CA ASN B 247 15.46 -15.50 -4.65
C ASN B 247 14.16 -15.83 -5.36
N TYR B 248 13.83 -15.08 -6.43
CA TYR B 248 12.65 -15.29 -7.25
C TYR B 248 12.74 -16.53 -8.18
N CYS B 249 13.91 -17.16 -8.26
CA CYS B 249 14.05 -18.42 -9.00
C CYS B 249 13.33 -19.56 -8.24
N HIS B 250 13.23 -19.45 -6.89
CA HIS B 250 12.65 -20.46 -6.01
C HIS B 250 13.34 -21.81 -6.20
N THR B 251 14.68 -21.78 -6.33
CA THR B 251 15.44 -22.99 -6.54
C THR B 251 15.42 -23.85 -5.29
N SER B 252 15.19 -25.15 -5.50
CA SER B 252 15.13 -26.15 -4.41
C SER B 252 16.50 -26.78 -4.19
N GLN B 253 16.69 -27.44 -3.03
CA GLN B 253 17.96 -28.12 -2.76
C GLN B 253 18.17 -29.36 -3.63
N GLY B 254 17.08 -29.95 -4.14
CA GLY B 254 17.11 -31.11 -5.01
C GLY B 254 17.53 -30.81 -6.44
N ASP B 255 17.36 -29.56 -6.86
CA ASP B 255 17.76 -29.11 -8.19
C ASP B 255 18.26 -27.67 -7.98
N PRO B 256 19.51 -27.55 -7.53
CA PRO B 256 20.03 -26.23 -7.17
C PRO B 256 20.59 -25.44 -8.36
N ILE B 257 19.86 -25.40 -9.48
CA ILE B 257 20.29 -24.68 -10.68
C ILE B 257 19.14 -23.74 -11.05
N GLY B 258 19.44 -22.48 -11.31
CA GLY B 258 18.43 -21.50 -11.67
C GLY B 258 18.81 -20.70 -12.90
N LEU B 259 17.84 -19.97 -13.44
CA LEU B 259 18.01 -19.12 -14.62
C LEU B 259 17.62 -17.68 -14.23
N ILE B 260 18.40 -16.71 -14.70
CA ILE B 260 18.16 -15.30 -14.36
C ILE B 260 18.47 -14.46 -15.56
N LEU B 261 17.60 -13.54 -15.86
CA LEU B 261 17.80 -12.64 -16.99
C LEU B 261 18.58 -11.42 -16.60
N LEU B 262 19.23 -10.85 -17.61
CA LEU B 262 19.84 -9.53 -17.57
C LEU B 262 19.12 -8.78 -18.66
N GLY B 263 18.30 -7.82 -18.28
CA GLY B 263 17.53 -7.06 -19.27
C GLY B 263 17.94 -5.60 -19.33
N GLU B 264 17.89 -5.03 -20.53
CA GLU B 264 18.11 -3.61 -20.70
C GLU B 264 16.72 -3.01 -20.48
N VAL B 265 16.60 -2.18 -19.47
CA VAL B 265 15.34 -1.54 -19.11
C VAL B 265 15.41 -0.04 -19.36
N ALA B 266 14.51 0.48 -20.19
CA ALA B 266 14.48 1.93 -20.46
C ALA B 266 13.66 2.53 -19.34
N LEU B 267 14.34 2.98 -18.28
CA LEU B 267 13.66 3.50 -17.11
C LEU B 267 13.06 4.88 -17.31
N GLY B 268 13.72 5.74 -18.08
CA GLY B 268 13.26 7.10 -18.29
C GLY B 268 13.19 7.88 -16.98
N ASN B 269 12.12 8.65 -16.79
CA ASN B 269 11.92 9.45 -15.58
C ASN B 269 11.30 8.56 -14.49
N MET B 270 12.07 8.26 -13.45
CA MET B 270 11.66 7.37 -12.38
C MET B 270 10.84 8.01 -11.28
N TYR B 271 9.72 7.37 -10.95
CA TYR B 271 8.85 7.77 -9.87
C TYR B 271 9.35 7.01 -8.62
N GLU B 272 10.04 7.70 -7.72
CA GLU B 272 10.69 7.05 -6.57
C GLU B 272 9.81 6.87 -5.37
N LEU B 273 9.72 5.61 -4.89
CA LEU B 273 8.86 5.29 -3.74
C LEU B 273 9.60 4.51 -2.65
N LYS B 274 9.09 4.54 -1.42
CA LYS B 274 9.69 3.86 -0.25
C LYS B 274 8.80 2.79 0.39
N HIS B 275 7.53 2.73 0.02
CA HIS B 275 6.58 1.78 0.59
C HIS B 275 5.56 1.38 -0.48
N ALA B 276 4.79 0.30 -0.25
CA ALA B 276 3.79 -0.20 -1.20
C ALA B 276 2.88 0.86 -1.76
N SER B 277 2.70 0.81 -3.06
CA SER B 277 1.86 1.72 -3.77
C SER B 277 1.25 0.93 -4.90
N HIS B 278 0.01 0.48 -4.72
CA HIS B 278 -0.69 -0.33 -5.71
C HIS B 278 -1.29 0.53 -6.81
N ILE B 279 -0.42 1.17 -7.59
CA ILE B 279 -0.87 2.07 -8.65
C ILE B 279 -1.35 1.34 -9.89
N SER B 280 -2.30 1.96 -10.61
CA SER B 280 -2.85 1.44 -11.88
C SER B 280 -2.23 2.12 -13.11
N LYS B 281 -1.62 3.30 -12.92
CA LYS B 281 -0.91 4.04 -13.96
C LYS B 281 0.15 4.91 -13.27
N LEU B 282 1.21 5.26 -13.99
CA LEU B 282 2.24 6.12 -13.47
C LEU B 282 1.79 7.58 -13.50
N PRO B 283 2.30 8.45 -12.60
CA PRO B 283 2.01 9.89 -12.74
C PRO B 283 2.55 10.40 -14.11
N LYS B 284 1.87 11.39 -14.71
CA LYS B 284 2.28 11.92 -16.03
C LYS B 284 3.73 12.39 -16.04
N GLY B 285 4.46 12.00 -17.07
CA GLY B 285 5.87 12.36 -17.17
C GLY B 285 6.80 11.30 -16.61
N LYS B 286 6.27 10.29 -15.91
CA LYS B 286 7.08 9.20 -15.36
C LYS B 286 7.02 7.99 -16.28
N HIS B 287 8.12 7.21 -16.34
CA HIS B 287 8.20 6.03 -17.20
C HIS B 287 8.46 4.72 -16.45
N SER B 288 8.84 4.81 -15.17
CA SER B 288 9.08 3.66 -14.33
C SER B 288 8.96 4.05 -12.83
N VAL B 289 8.93 3.05 -11.94
CA VAL B 289 8.99 3.25 -10.51
C VAL B 289 10.34 2.71 -10.06
N LYS B 290 10.96 3.38 -9.10
CA LYS B 290 12.15 2.89 -8.49
C LYS B 290 11.82 2.85 -7.02
N GLY B 291 11.75 1.63 -6.47
CA GLY B 291 11.54 1.38 -5.07
C GLY B 291 12.89 1.58 -4.43
N LEU B 292 13.02 2.59 -3.58
CA LEU B 292 14.30 2.95 -2.95
C LEU B 292 14.71 2.02 -1.81
N GLY B 293 15.79 1.28 -2.01
CA GLY B 293 16.30 0.38 -0.99
C GLY B 293 17.22 1.09 -0.02
N LYS B 294 17.41 0.48 1.17
CA LYS B 294 18.35 0.94 2.20
C LYS B 294 19.82 0.79 1.71
N THR B 295 20.08 -0.20 0.83
CA THR B 295 21.39 -0.48 0.25
C THR B 295 21.28 -0.30 -1.27
N THR B 296 22.17 0.50 -1.85
CA THR B 296 22.21 0.81 -3.27
C THR B 296 23.63 0.51 -3.82
N PRO B 297 23.77 0.15 -5.11
CA PRO B 297 25.11 -0.08 -5.65
C PRO B 297 25.90 1.22 -5.67
N ASP B 298 27.22 1.15 -5.45
CA ASP B 298 28.11 2.30 -5.46
C ASP B 298 27.99 3.03 -6.80
N PRO B 299 27.48 4.27 -6.79
CA PRO B 299 27.27 4.99 -8.06
C PRO B 299 28.55 5.29 -8.84
N SER B 300 29.67 5.44 -8.14
CA SER B 300 30.96 5.69 -8.80
C SER B 300 31.47 4.42 -9.51
N ALA B 301 31.09 3.23 -9.01
CA ALA B 301 31.52 1.97 -9.60
C ALA B 301 30.63 1.50 -10.76
N ASN B 302 29.79 2.37 -11.31
CA ASN B 302 28.91 2.02 -12.42
C ASN B 302 29.72 1.93 -13.72
N ILE B 303 29.40 0.94 -14.56
CA ILE B 303 30.12 0.75 -15.82
C ILE B 303 29.16 0.73 -17.02
N SER B 304 29.67 0.72 -18.26
CA SER B 304 28.81 0.67 -19.45
C SER B 304 29.04 -0.59 -20.27
N LEU B 305 27.97 -1.26 -20.69
CA LEU B 305 28.08 -2.46 -21.51
C LEU B 305 27.22 -2.21 -22.72
N ASP B 306 27.87 -1.96 -23.88
CA ASP B 306 27.20 -1.62 -25.13
C ASP B 306 26.35 -0.36 -25.00
N GLY B 307 26.84 0.61 -24.22
CA GLY B 307 26.17 1.88 -24.02
C GLY B 307 25.15 1.91 -22.89
N VAL B 308 24.87 0.75 -22.29
CA VAL B 308 23.89 0.65 -21.21
C VAL B 308 24.57 0.63 -19.85
N ASP B 309 24.04 1.38 -18.89
CA ASP B 309 24.58 1.42 -17.53
C ASP B 309 24.43 0.11 -16.80
N VAL B 310 25.51 -0.35 -16.17
CA VAL B 310 25.52 -1.56 -15.37
C VAL B 310 25.88 -1.15 -13.93
N PRO B 311 24.93 -1.27 -13.00
CA PRO B 311 25.19 -0.88 -11.60
C PRO B 311 25.83 -2.00 -10.81
N LEU B 312 27.03 -2.44 -11.24
CA LEU B 312 27.70 -3.55 -10.57
C LEU B 312 28.55 -3.15 -9.36
N GLY B 313 28.41 -1.91 -8.89
CA GLY B 313 29.15 -1.46 -7.72
C GLY B 313 28.70 -2.19 -6.49
N THR B 314 29.62 -2.42 -5.55
CA THR B 314 29.27 -3.09 -4.29
C THR B 314 28.29 -2.23 -3.48
N GLY B 315 27.52 -2.88 -2.63
CA GLY B 315 26.46 -2.22 -1.87
C GLY B 315 26.86 -1.22 -0.80
N ILE B 316 26.60 0.07 -1.07
CA ILE B 316 26.82 1.15 -0.10
C ILE B 316 25.45 1.59 0.49
N SER B 317 25.46 2.34 1.60
CA SER B 317 24.22 2.83 2.20
C SER B 317 23.66 3.90 1.28
N SER B 318 22.36 3.81 0.97
CA SER B 318 21.72 4.79 0.10
C SER B 318 21.45 6.15 0.75
N GLY B 319 21.49 6.22 2.08
CA GLY B 319 21.15 7.44 2.79
C GLY B 319 19.64 7.68 2.87
N VAL B 320 18.84 6.70 2.43
CA VAL B 320 17.40 6.78 2.43
C VAL B 320 16.84 6.29 3.76
N ASN B 321 15.90 7.05 4.34
CA ASN B 321 15.27 6.72 5.61
C ASN B 321 13.79 6.41 5.42
N ASP B 322 13.27 5.47 6.23
CA ASP B 322 11.87 5.04 6.27
C ASP B 322 11.41 4.36 4.99
N THR B 323 11.81 3.09 4.81
CA THR B 323 11.48 2.26 3.64
C THR B 323 11.08 0.85 4.04
N SER B 324 10.24 0.22 3.23
CA SER B 324 9.88 -1.18 3.41
C SER B 324 10.93 -2.08 2.68
N LEU B 325 11.83 -1.50 1.85
CA LEU B 325 12.80 -2.20 1.03
C LEU B 325 14.23 -2.19 1.51
N LEU B 326 14.83 -3.38 1.58
CA LEU B 326 16.26 -3.49 1.89
C LEU B 326 17.07 -3.11 0.64
N TYR B 327 16.59 -3.49 -0.55
CA TYR B 327 17.29 -3.24 -1.79
C TYR B 327 16.37 -2.59 -2.82
N ASN B 328 16.95 -1.89 -3.79
CA ASN B 328 16.18 -1.24 -4.85
C ASN B 328 15.37 -2.27 -5.67
N GLU B 329 14.31 -1.78 -6.29
CA GLU B 329 13.56 -2.53 -7.28
C GLU B 329 13.06 -1.56 -8.32
N TYR B 330 13.05 -1.96 -9.57
CA TYR B 330 12.67 -1.11 -10.67
C TYR B 330 11.50 -1.74 -11.39
N ILE B 331 10.50 -0.93 -11.73
CA ILE B 331 9.28 -1.42 -12.35
C ILE B 331 8.89 -0.59 -13.56
N VAL B 332 8.69 -1.24 -14.69
CA VAL B 332 8.17 -0.58 -15.88
C VAL B 332 6.77 -1.12 -16.13
N TYR B 333 5.90 -0.29 -16.71
CA TYR B 333 4.50 -0.67 -16.91
C TYR B 333 4.10 -0.83 -18.37
N ASP B 334 5.06 -0.80 -19.27
CA ASP B 334 4.85 -1.04 -20.70
C ASP B 334 5.89 -2.12 -21.04
N ILE B 335 5.44 -3.26 -21.56
CA ILE B 335 6.28 -4.39 -21.95
C ILE B 335 7.37 -4.03 -22.96
N ALA B 336 7.10 -3.03 -23.81
CA ALA B 336 8.05 -2.59 -24.83
C ALA B 336 9.28 -1.85 -24.26
N GLN B 337 9.27 -1.49 -22.96
CA GLN B 337 10.41 -0.83 -22.31
C GLN B 337 11.52 -1.80 -21.86
N VAL B 338 11.41 -3.08 -22.23
CA VAL B 338 12.40 -4.07 -21.84
C VAL B 338 13.03 -4.71 -23.07
N ASN B 339 14.36 -4.88 -23.08
CA ASN B 339 15.03 -5.63 -24.13
C ASN B 339 15.94 -6.63 -23.41
N LEU B 340 15.54 -7.88 -23.34
CA LEU B 340 16.36 -8.93 -22.69
C LEU B 340 17.65 -9.10 -23.48
N LYS B 341 18.78 -9.05 -22.77
CA LYS B 341 20.10 -9.13 -23.36
C LYS B 341 20.81 -10.45 -23.07
N TYR B 342 20.76 -10.91 -21.79
CA TYR B 342 21.46 -12.14 -21.38
C TYR B 342 20.58 -13.00 -20.49
N LEU B 343 20.92 -14.27 -20.43
CA LEU B 343 20.26 -15.25 -19.61
C LEU B 343 21.40 -16.03 -18.98
N LEU B 344 21.44 -16.09 -17.65
CA LEU B 344 22.51 -16.76 -16.94
C LEU B 344 21.97 -18.04 -16.31
N LYS B 345 22.78 -19.09 -16.35
CA LYS B 345 22.48 -20.34 -15.68
C LYS B 345 23.41 -20.34 -14.47
N LEU B 346 22.83 -20.38 -13.28
CA LEU B 346 23.60 -20.29 -12.05
C LEU B 346 23.45 -21.53 -11.20
N LYS B 347 24.54 -21.91 -10.52
CA LYS B 347 24.49 -23.02 -9.58
C LYS B 347 24.37 -22.38 -8.20
N PHE B 348 23.37 -22.83 -7.43
CA PHE B 348 23.10 -22.34 -6.09
C PHE B 348 23.74 -23.29 -5.09
N ASN B 349 24.78 -22.84 -4.39
CA ASN B 349 25.41 -23.67 -3.37
C ASN B 349 24.77 -23.34 -2.02
N PHE B 350 23.79 -24.14 -1.60
CA PHE B 350 23.09 -23.93 -0.34
C PHE B 350 23.98 -24.20 0.87
N LYS B 351 23.82 -23.39 1.92
CA LYS B 351 24.58 -23.48 3.15
C LYS B 351 23.60 -23.76 4.30
S SO4 C . -14.81 3.97 2.09
O1 SO4 C . -16.01 3.84 2.87
O2 SO4 C . -14.95 5.10 1.16
O3 SO4 C . -14.61 2.75 1.31
O4 SO4 C . -13.65 4.11 2.98
S SO4 D . -8.05 39.33 32.79
O1 SO4 D . -8.84 40.26 31.97
O2 SO4 D . -8.82 38.97 33.98
O3 SO4 D . -7.76 38.13 32.00
O4 SO4 D . -6.79 39.96 33.17
S SO4 E . 6.86 16.66 28.91
O1 SO4 E . 5.90 17.29 28.01
O2 SO4 E . 6.47 16.91 30.30
O3 SO4 E . 6.86 15.22 28.65
O4 SO4 E . 8.19 17.20 28.68
S SO4 F . -6.04 35.32 11.56
O1 SO4 F . -7.46 34.91 11.40
O2 SO4 F . -5.71 35.23 12.99
O3 SO4 F . -5.16 34.45 10.76
O4 SO4 F . -5.88 36.71 11.09
S SO4 G . -7.69 13.89 13.70
O1 SO4 G . -9.10 13.53 13.74
O2 SO4 G . -7.17 14.07 15.07
O3 SO4 G . -6.96 12.80 13.03
O4 SO4 G . -7.53 15.16 12.96
S SO4 H . 13.56 -6.42 -0.26
O1 SO4 H . 12.40 -6.86 -1.02
O2 SO4 H . 13.14 -5.97 1.08
O3 SO4 H . 14.48 -7.54 -0.10
O4 SO4 H . 14.23 -5.32 -0.98
S SO4 I . 8.02 -13.56 -14.32
O1 SO4 I . 6.90 -12.73 -13.89
O2 SO4 I . 7.55 -14.89 -14.67
O3 SO4 I . 9.01 -13.63 -13.25
O4 SO4 I . 8.62 -12.95 -15.51
#